data_4YV1
#
_entry.id   4YV1
#
_cell.length_a   43.424
_cell.length_b   99.269
_cell.length_c   135.062
_cell.angle_alpha   90.00
_cell.angle_beta   90.54
_cell.angle_gamma   90.00
#
_symmetry.space_group_name_H-M   'P 1 21 1'
#
loop_
_entity.id
_entity.type
_entity.pdbx_description
1 polymer 'Spermidine synthase, putative'
2 non-polymer "5'-[(S)-(3-AMINOPROPYL)(METHYL)-LAMBDA~4~-SULFANYL]-5'-DEOXYADENOSINE"
3 non-polymer 'quinolin-8-yl piperidine-1-carboxylate'
4 water water
#
_entity_poly.entity_id   1
_entity_poly.type   'polypeptide(L)'
_entity_poly.pdbx_seq_one_letter_code
;MAHHHHHHMPGSELISGGWFREENDQWPGQAMSLRVEKVLYDAPTKFQHLTIFESDPKGPWGTVMALDGCIQVTDYDEFV
YHEVLGHTSLCSHPKPERVLIIGGGDGGVLREVLRHGTVEHCDLVDIDGEVMEQSKQHFPQISRSLADPRATVRVGDGLA
FVRQTPDNTYDVVIIDTTDPAGPASKLFGEAFYKDVLRILKPDGICCNQGESIWLDLELIEKMSRFIRETGFASVQYALM
HVPTYPCGSIGTLVCSKKAGVDVTKPLRPVEDMPFAKDLKYYDSEMHKASFALPRFARHINNSE
;
_entity_poly.pdbx_strand_id   A,B,C,D
#
loop_
_chem_comp.id
_chem_comp.type
_chem_comp.name
_chem_comp.formula
4K2 non-polymer 'quinolin-8-yl piperidine-1-carboxylate' 'C15 H16 N2 O2'
S4M non-polymer 5'-[(S)-(3-AMINOPROPYL)(METHYL)-LAMBDA~4~-SULFANYL]-5'-DEOXYADENOSINE 'C14 H24 N6 O3 S'
#
# COMPACT_ATOMS: atom_id res chain seq x y z
N GLY A 18 -32.67 -33.72 31.17
CA GLY A 18 -31.19 -33.72 31.26
C GLY A 18 -30.64 -32.65 30.30
N TRP A 19 -30.93 -31.37 30.60
CA TRP A 19 -30.52 -30.21 29.77
C TRP A 19 -29.82 -29.17 30.67
N PHE A 20 -28.79 -28.45 30.18
CA PHE A 20 -28.22 -27.30 30.87
C PHE A 20 -28.88 -26.01 30.30
N ARG A 21 -29.52 -25.17 31.13
CA ARG A 21 -30.23 -23.99 30.59
C ARG A 21 -29.51 -22.74 31.04
N GLU A 22 -29.21 -21.88 30.10
CA GLU A 22 -28.57 -20.60 30.40
C GLU A 22 -29.60 -19.50 30.12
N GLU A 23 -30.01 -18.76 31.15
CA GLU A 23 -30.77 -17.53 30.98
C GLU A 23 -30.25 -16.54 31.98
N ASN A 24 -29.94 -15.34 31.53
CA ASN A 24 -29.42 -14.33 32.45
C ASN A 24 -30.46 -13.32 32.90
N ASP A 25 -30.35 -12.93 34.17
CA ASP A 25 -31.27 -12.01 34.83
C ASP A 25 -31.25 -10.60 34.22
N GLN A 26 -30.13 -10.24 33.59
CA GLN A 26 -30.05 -8.92 32.92
C GLN A 26 -30.57 -8.95 31.48
N TRP A 27 -30.73 -10.13 30.89
CA TRP A 27 -31.47 -10.23 29.62
C TRP A 27 -32.72 -11.13 29.72
N PRO A 28 -33.85 -10.54 30.14
CA PRO A 28 -35.04 -11.30 30.57
C PRO A 28 -35.84 -11.91 29.41
N GLY A 29 -36.34 -13.15 29.60
CA GLY A 29 -37.21 -13.77 28.62
C GLY A 29 -36.50 -14.49 27.47
N GLN A 30 -35.20 -14.76 27.58
CA GLN A 30 -34.46 -15.54 26.54
C GLN A 30 -33.57 -16.58 27.19
N ALA A 31 -33.47 -17.76 26.57
CA ALA A 31 -32.63 -18.87 27.10
C ALA A 31 -31.97 -19.67 26.00
N MET A 32 -30.84 -20.29 26.33
CA MET A 32 -30.09 -21.20 25.42
C MET A 32 -29.87 -22.50 26.19
N SER A 33 -30.06 -23.66 25.56
CA SER A 33 -29.95 -24.92 26.32
C SER A 33 -29.12 -25.95 25.56
N LEU A 34 -28.37 -26.77 26.30
CA LEU A 34 -27.62 -27.87 25.70
C LEU A 34 -27.96 -29.14 26.44
N ARG A 35 -28.08 -30.24 25.68
CA ARG A 35 -28.39 -31.53 26.26
C ARG A 35 -27.13 -32.03 26.97
N VAL A 36 -27.29 -32.46 28.22
CA VAL A 36 -26.23 -33.09 29.05
C VAL A 36 -26.21 -34.60 28.78
N GLU A 37 -25.05 -35.12 28.43
CA GLU A 37 -24.87 -36.55 28.31
C GLU A 37 -24.36 -37.10 29.63
N LYS A 38 -23.47 -36.36 30.29
CA LYS A 38 -22.86 -36.79 31.52
C LYS A 38 -22.38 -35.57 32.27
N VAL A 39 -22.72 -35.47 33.55
CA VAL A 39 -22.19 -34.43 34.41
C VAL A 39 -20.80 -34.89 34.88
N LEU A 40 -19.78 -34.07 34.60
CA LEU A 40 -18.40 -34.35 34.92
C LEU A 40 -17.94 -33.68 36.21
N TYR A 41 -18.51 -32.52 36.55
CA TYR A 41 -18.14 -31.76 37.74
C TYR A 41 -19.22 -30.70 37.96
N ASP A 42 -19.54 -30.42 39.23
CA ASP A 42 -20.61 -29.47 39.56
C ASP A 42 -20.56 -29.08 41.04
N ALA A 43 -19.78 -28.06 41.35
CA ALA A 43 -19.53 -27.72 42.75
C ALA A 43 -19.26 -26.24 42.88
N PRO A 44 -19.62 -25.63 44.02
CA PRO A 44 -19.11 -24.29 44.16
C PRO A 44 -17.64 -24.36 44.49
N THR A 45 -16.97 -23.30 44.16
CA THR A 45 -15.58 -23.19 44.38
C THR A 45 -15.51 -22.18 45.52
N LYS A 46 -14.32 -21.79 45.93
CA LYS A 46 -14.19 -20.70 46.85
C LYS A 46 -14.72 -19.41 46.21
N PHE A 47 -14.80 -19.40 44.87
CA PHE A 47 -15.08 -18.16 44.14
C PHE A 47 -16.33 -18.09 43.24
N GLN A 48 -16.74 -19.20 42.64
CA GLN A 48 -17.81 -19.23 41.67
C GLN A 48 -18.35 -20.67 41.56
N HIS A 49 -19.50 -20.85 40.93
CA HIS A 49 -19.97 -22.19 40.60
C HIS A 49 -19.38 -22.73 39.28
N LEU A 50 -18.76 -23.91 39.35
CA LEU A 50 -18.05 -24.54 38.22
C LEU A 50 -18.79 -25.79 37.80
N THR A 51 -19.23 -25.80 36.55
CA THR A 51 -19.96 -26.95 36.02
C THR A 51 -19.27 -27.38 34.76
N ILE A 52 -19.01 -28.68 34.66
CA ILE A 52 -18.38 -29.26 33.47
C ILE A 52 -19.23 -30.44 33.08
N PHE A 53 -19.64 -30.47 31.83
CA PHE A 53 -20.40 -31.61 31.33
C PHE A 53 -20.06 -32.09 29.95
N GLU A 54 -20.39 -33.36 29.68
CA GLU A 54 -20.32 -33.89 28.33
C GLU A 54 -21.67 -33.60 27.67
N SER A 55 -21.67 -32.99 26.48
CA SER A 55 -22.89 -32.55 25.82
C SER A 55 -23.28 -33.69 24.90
N ASP A 56 -24.39 -33.52 24.19
CA ASP A 56 -24.92 -34.58 23.33
C ASP A 56 -23.91 -35.15 22.34
N PRO A 57 -23.63 -36.47 22.39
CA PRO A 57 -22.66 -36.91 21.37
C PRO A 57 -23.10 -36.80 19.91
N LYS A 58 -24.39 -36.60 19.63
CA LYS A 58 -24.83 -36.41 18.21
C LYS A 58 -24.74 -34.96 17.73
N GLY A 59 -24.50 -34.03 18.66
CA GLY A 59 -24.17 -32.64 18.31
C GLY A 59 -22.68 -32.36 18.38
N PRO A 60 -22.27 -31.12 18.04
CA PRO A 60 -20.82 -30.87 17.81
C PRO A 60 -20.02 -30.41 19.01
N TRP A 61 -20.72 -30.03 20.09
CA TRP A 61 -20.09 -29.15 21.12
C TRP A 61 -19.05 -29.87 21.98
N GLY A 62 -19.14 -31.19 22.09
CA GLY A 62 -18.22 -31.88 22.98
C GLY A 62 -18.35 -31.55 24.45
N THR A 63 -17.22 -31.39 25.16
CA THR A 63 -17.26 -31.14 26.61
C THR A 63 -17.50 -29.64 26.78
N VAL A 64 -18.24 -29.27 27.84
CA VAL A 64 -18.69 -27.88 28.08
C VAL A 64 -18.33 -27.49 29.50
N MET A 65 -17.79 -26.28 29.72
CA MET A 65 -17.55 -25.73 31.01
C MET A 65 -18.34 -24.45 31.21
N ALA A 66 -19.00 -24.33 32.36
CA ALA A 66 -19.70 -23.12 32.73
C ALA A 66 -19.24 -22.65 34.10
N LEU A 67 -19.30 -21.34 34.29
CA LEU A 67 -18.93 -20.67 35.50
C LEU A 67 -20.08 -19.74 35.84
N ASP A 68 -20.56 -19.86 37.10
CA ASP A 68 -21.82 -19.21 37.51
C ASP A 68 -22.93 -19.34 36.48
N GLY A 69 -23.09 -20.51 35.86
CA GLY A 69 -24.20 -20.68 34.93
C GLY A 69 -24.03 -20.13 33.51
N CYS A 70 -22.85 -19.59 33.19
CA CYS A 70 -22.56 -19.02 31.87
C CYS A 70 -21.49 -19.89 31.19
N ILE A 71 -21.79 -20.40 29.99
CA ILE A 71 -20.81 -21.17 29.21
C ILE A 71 -19.55 -20.34 29.02
N GLN A 72 -18.41 -20.98 29.30
CA GLN A 72 -17.12 -20.30 29.18
C GLN A 72 -16.29 -20.98 28.11
N VAL A 73 -16.34 -22.32 28.01
CA VAL A 73 -15.54 -23.03 26.98
C VAL A 73 -16.32 -24.22 26.44
N THR A 74 -16.22 -24.54 25.14
CA THR A 74 -16.67 -25.86 24.68
C THR A 74 -15.55 -26.40 23.83
N ASP A 75 -15.41 -27.70 23.75
CA ASP A 75 -14.43 -28.23 22.80
C ASP A 75 -14.59 -27.67 21.40
N TYR A 76 -15.83 -27.45 20.96
CA TYR A 76 -16.04 -27.26 19.54
C TYR A 76 -15.59 -25.85 19.15
N ASP A 77 -15.88 -24.85 19.95
CA ASP A 77 -15.62 -23.45 19.48
C ASP A 77 -14.62 -22.67 20.27
N GLU A 78 -13.94 -23.33 21.22
CA GLU A 78 -13.05 -22.57 22.13
C GLU A 78 -11.91 -21.86 21.36
N PHE A 79 -11.51 -22.44 20.22
CA PHE A 79 -10.43 -21.84 19.41
C PHE A 79 -10.70 -20.39 19.01
N VAL A 80 -11.98 -19.98 18.88
CA VAL A 80 -12.22 -18.61 18.34
C VAL A 80 -11.68 -17.58 19.33
N TYR A 81 -12.26 -17.59 20.51
CA TYR A 81 -11.99 -16.49 21.45
C TYR A 81 -10.52 -16.62 21.83
N HIS A 82 -9.99 -17.84 21.92
CA HIS A 82 -8.57 -17.98 22.38
C HIS A 82 -7.58 -17.47 21.32
N GLU A 83 -7.83 -17.82 20.06
CA GLU A 83 -6.98 -17.26 18.97
C GLU A 83 -7.16 -15.78 18.84
N VAL A 84 -8.39 -15.28 18.91
CA VAL A 84 -8.56 -13.84 18.69
C VAL A 84 -7.86 -13.04 19.83
N LEU A 85 -8.04 -13.43 21.11
CA LEU A 85 -7.39 -12.68 22.20
C LEU A 85 -5.88 -12.81 22.10
N GLY A 86 -5.40 -14.00 21.80
CA GLY A 86 -3.97 -14.26 21.87
C GLY A 86 -3.29 -13.63 20.70
N HIS A 87 -3.86 -13.75 19.50
CA HIS A 87 -3.13 -13.29 18.35
C HIS A 87 -3.40 -11.87 18.00
N THR A 88 -4.63 -11.40 18.23
CA THR A 88 -4.90 -9.95 17.90
C THR A 88 -4.00 -9.05 18.75
N SER A 89 -3.79 -9.45 19.99
CA SER A 89 -2.89 -8.68 20.83
C SER A 89 -1.40 -8.84 20.46
N LEU A 90 -0.91 -10.06 20.36
CA LEU A 90 0.53 -10.23 20.09
C LEU A 90 0.93 -9.78 18.68
N CYS A 91 0.01 -9.91 17.70
CA CYS A 91 0.30 -9.48 16.36
C CYS A 91 0.20 -7.95 16.24
N SER A 92 -0.29 -7.30 17.27
CA SER A 92 -0.35 -5.81 17.27
C SER A 92 0.84 -5.19 18.02
N HIS A 93 1.67 -6.05 18.59
CA HIS A 93 2.81 -5.60 19.39
C HIS A 93 4.16 -5.77 18.58
N PRO A 94 5.13 -4.81 18.72
CA PRO A 94 6.35 -4.89 17.89
C PRO A 94 7.27 -6.10 18.19
N LYS A 95 7.26 -6.57 19.43
CA LYS A 95 8.12 -7.70 19.82
C LYS A 95 7.73 -8.18 21.24
N PRO A 96 6.70 -9.05 21.32
CA PRO A 96 6.13 -9.25 22.65
C PRO A 96 6.89 -10.36 23.35
N GLU A 97 7.65 -10.01 24.38
CA GLU A 97 8.53 -11.01 24.98
C GLU A 97 8.04 -11.45 26.35
N ARG A 98 7.40 -10.55 27.07
CA ARG A 98 6.85 -10.84 28.36
C ARG A 98 5.35 -10.50 28.38
N VAL A 99 4.56 -11.50 28.72
CA VAL A 99 3.09 -11.42 28.60
C VAL A 99 2.49 -11.79 29.95
N LEU A 100 1.41 -11.10 30.32
CA LEU A 100 0.64 -11.46 31.46
C LEU A 100 -0.82 -11.81 31.04
N ILE A 101 -1.32 -12.96 31.52
CA ILE A 101 -2.73 -13.24 31.36
C ILE A 101 -3.38 -13.18 32.71
N ILE A 102 -4.43 -12.39 32.83
CA ILE A 102 -5.22 -12.36 34.03
C ILE A 102 -6.46 -13.17 33.76
N GLY A 103 -6.75 -14.13 34.61
CA GLY A 103 -7.81 -15.10 34.37
C GLY A 103 -7.25 -16.24 33.51
N GLY A 104 -7.99 -16.71 32.52
CA GLY A 104 -7.36 -17.66 31.61
C GLY A 104 -7.03 -19.04 32.18
N GLY A 105 -7.68 -19.41 33.30
CA GLY A 105 -7.36 -20.68 33.97
C GLY A 105 -7.52 -21.94 33.18
N ASP A 106 -8.35 -21.91 32.14
CA ASP A 106 -8.46 -23.06 31.25
C ASP A 106 -7.21 -23.34 30.42
N GLY A 107 -6.39 -22.33 30.12
CA GLY A 107 -5.15 -22.56 29.45
C GLY A 107 -5.23 -22.18 27.98
N GLY A 108 -6.42 -21.78 27.48
CA GLY A 108 -6.54 -21.52 26.00
C GLY A 108 -5.78 -20.32 25.47
N VAL A 109 -5.89 -19.18 26.15
CA VAL A 109 -5.19 -18.00 25.67
C VAL A 109 -3.72 -18.29 25.75
N LEU A 110 -3.32 -18.91 26.85
CA LEU A 110 -1.92 -19.28 27.04
C LEU A 110 -1.38 -20.14 25.92
N ARG A 111 -2.15 -21.13 25.50
CA ARG A 111 -1.73 -22.01 24.37
C ARG A 111 -1.39 -21.18 23.12
N GLU A 112 -2.31 -20.23 22.76
CA GLU A 112 -2.09 -19.34 21.62
C GLU A 112 -0.87 -18.41 21.79
N VAL A 113 -0.80 -17.73 22.94
CA VAL A 113 0.38 -16.84 23.27
C VAL A 113 1.75 -17.62 23.08
N LEU A 114 1.76 -18.87 23.53
CA LEU A 114 2.99 -19.68 23.48
C LEU A 114 3.36 -20.13 22.07
N ARG A 115 2.42 -19.99 21.13
CA ARG A 115 2.80 -20.24 19.73
C ARG A 115 3.86 -19.28 19.24
N HIS A 116 3.87 -18.06 19.79
CA HIS A 116 4.75 -16.99 19.30
C HIS A 116 6.21 -17.20 19.77
N GLY A 117 7.14 -17.24 18.82
CA GLY A 117 8.60 -17.43 19.14
C GLY A 117 9.20 -16.30 19.96
N THR A 118 8.62 -15.10 19.85
CA THR A 118 9.11 -13.94 20.56
C THR A 118 8.92 -14.09 22.06
N VAL A 119 7.96 -14.91 22.50
CA VAL A 119 7.58 -14.92 23.91
C VAL A 119 8.65 -15.67 24.72
N GLU A 120 9.29 -14.96 25.65
CA GLU A 120 10.26 -15.57 26.57
C GLU A 120 9.55 -16.12 27.78
N HIS A 121 8.54 -15.40 28.22
CA HIS A 121 7.90 -15.71 29.48
C HIS A 121 6.46 -15.20 29.53
N CYS A 122 5.56 -16.06 29.97
CA CYS A 122 4.17 -15.66 30.24
C CYS A 122 3.77 -15.99 31.67
N ASP A 123 3.28 -14.99 32.42
CA ASP A 123 2.65 -15.26 33.70
C ASP A 123 1.15 -15.35 33.52
N LEU A 124 0.50 -16.23 34.25
CA LEU A 124 -0.96 -16.40 34.18
C LEU A 124 -1.46 -16.44 35.61
N VAL A 125 -2.46 -15.61 35.91
CA VAL A 125 -2.92 -15.44 37.30
C VAL A 125 -4.40 -15.58 37.30
N ASP A 126 -4.91 -16.73 37.76
CA ASP A 126 -6.33 -16.95 37.82
C ASP A 126 -6.72 -17.14 39.31
N ILE A 127 -7.75 -16.43 39.78
CA ILE A 127 -8.18 -16.40 41.19
C ILE A 127 -8.59 -17.80 41.63
N ASP A 128 -9.05 -18.60 40.66
CA ASP A 128 -9.66 -19.88 40.97
C ASP A 128 -8.85 -21.09 40.54
N GLY A 129 -8.11 -21.69 41.48
CA GLY A 129 -7.31 -22.87 41.15
C GLY A 129 -8.10 -24.12 40.85
N GLU A 130 -9.38 -24.15 41.19
CA GLU A 130 -10.20 -25.27 40.79
C GLU A 130 -10.42 -25.32 39.26
N VAL A 131 -10.43 -24.14 38.65
CA VAL A 131 -10.64 -24.06 37.21
C VAL A 131 -9.46 -24.72 36.48
N MET A 132 -8.23 -24.38 36.90
CA MET A 132 -7.03 -24.98 36.29
C MET A 132 -7.10 -26.49 36.49
N GLU A 133 -7.49 -26.91 37.71
CA GLU A 133 -7.52 -28.34 38.05
C GLU A 133 -8.47 -29.10 37.18
N GLN A 134 -9.72 -28.62 37.13
CA GLN A 134 -10.72 -29.21 36.23
C GLN A 134 -10.40 -29.12 34.73
N SER A 135 -9.72 -28.05 34.31
CA SER A 135 -9.27 -27.94 32.91
C SER A 135 -8.19 -28.98 32.57
N LYS A 136 -7.29 -29.26 33.51
CA LYS A 136 -6.30 -30.32 33.26
C LYS A 136 -6.99 -31.68 33.15
N GLN A 137 -8.05 -31.90 33.94
CA GLN A 137 -8.78 -33.18 33.92
C GLN A 137 -9.70 -33.37 32.71
N HIS A 138 -10.41 -32.30 32.32
CA HIS A 138 -11.44 -32.46 31.35
C HIS A 138 -11.23 -31.70 30.03
N PHE A 139 -10.25 -30.78 29.99
CA PHE A 139 -9.87 -30.12 28.70
C PHE A 139 -8.36 -30.17 28.37
N PRO A 140 -7.79 -31.39 28.27
CA PRO A 140 -6.36 -31.52 27.97
C PRO A 140 -5.86 -30.78 26.68
N GLN A 141 -6.67 -30.70 25.62
CA GLN A 141 -6.32 -29.93 24.43
C GLN A 141 -6.14 -28.41 24.71
N ILE A 142 -6.80 -27.92 25.76
CA ILE A 142 -6.76 -26.48 26.14
C ILE A 142 -5.70 -26.24 27.22
N SER A 143 -5.64 -27.15 28.20
CA SER A 143 -4.87 -26.93 29.43
C SER A 143 -3.44 -27.45 29.39
N ARG A 144 -3.00 -28.03 28.28
CA ARG A 144 -1.63 -28.62 28.23
C ARG A 144 -0.61 -27.49 28.43
N SER A 145 -0.98 -26.33 27.88
CA SER A 145 -0.14 -25.13 27.99
C SER A 145 0.27 -24.78 29.41
N LEU A 146 -0.57 -25.14 30.39
CA LEU A 146 -0.35 -24.71 31.77
C LEU A 146 0.98 -25.28 32.34
N ALA A 147 1.42 -26.41 31.77
CA ALA A 147 2.68 -27.04 32.21
C ALA A 147 3.92 -26.60 31.42
N ASP A 148 3.81 -25.59 30.55
CA ASP A 148 4.93 -25.22 29.70
C ASP A 148 6.00 -24.52 30.54
N PRO A 149 7.26 -24.86 30.31
CA PRO A 149 8.42 -24.17 30.99
C PRO A 149 8.47 -22.67 30.78
N ARG A 150 7.81 -22.14 29.74
CA ARG A 150 7.85 -20.67 29.55
C ARG A 150 6.70 -19.99 30.32
N ALA A 151 5.83 -20.77 30.95
CA ALA A 151 4.72 -20.22 31.68
C ALA A 151 4.92 -20.34 33.21
N THR A 152 4.51 -19.32 33.96
CA THR A 152 4.31 -19.48 35.39
C THR A 152 2.82 -19.27 35.72
N VAL A 153 2.19 -20.30 36.28
CA VAL A 153 0.78 -20.23 36.60
C VAL A 153 0.61 -19.95 38.09
N ARG A 154 -0.09 -18.87 38.46
CA ARG A 154 -0.40 -18.48 39.85
C ARG A 154 -1.90 -18.55 40.13
N VAL A 155 -2.24 -18.92 41.37
CA VAL A 155 -3.60 -18.87 41.85
C VAL A 155 -3.66 -17.64 42.69
N GLY A 156 -4.47 -16.68 42.27
CA GLY A 156 -4.54 -15.42 42.96
C GLY A 156 -5.44 -14.47 42.21
N ASP A 157 -5.79 -13.40 42.92
CA ASP A 157 -6.61 -12.34 42.36
C ASP A 157 -5.73 -11.43 41.53
N GLY A 158 -6.13 -11.26 40.26
CA GLY A 158 -5.39 -10.36 39.38
C GLY A 158 -5.29 -8.94 39.84
N LEU A 159 -6.33 -8.46 40.51
CA LEU A 159 -6.30 -7.07 41.03
C LEU A 159 -5.06 -6.84 41.96
N ALA A 160 -4.82 -7.79 42.86
CA ALA A 160 -3.70 -7.69 43.83
C ALA A 160 -2.40 -8.01 43.15
N PHE A 161 -2.45 -8.94 42.20
CA PHE A 161 -1.25 -9.25 41.47
C PHE A 161 -0.68 -8.02 40.73
N VAL A 162 -1.51 -7.28 40.01
CA VAL A 162 -0.97 -6.12 39.28
C VAL A 162 -0.49 -4.97 40.23
N ARG A 163 -1.14 -4.84 41.38
CA ARG A 163 -0.81 -3.82 42.37
C ARG A 163 0.60 -4.05 42.86
N GLN A 164 0.99 -5.31 42.96
CA GLN A 164 2.30 -5.73 43.44
C GLN A 164 3.33 -6.05 42.35
N THR A 165 3.09 -5.54 41.14
CA THR A 165 3.94 -5.77 40.02
C THR A 165 4.62 -4.46 39.68
N PRO A 166 5.93 -4.50 39.46
CA PRO A 166 6.70 -3.31 39.13
C PRO A 166 6.29 -2.65 37.79
N ASP A 167 6.55 -1.35 37.68
CA ASP A 167 6.32 -0.56 36.46
C ASP A 167 7.04 -1.18 35.30
N ASN A 168 6.45 -1.14 34.11
CA ASN A 168 7.16 -1.60 32.90
C ASN A 168 7.64 -3.04 32.92
N THR A 169 6.76 -3.96 33.31
CA THR A 169 7.14 -5.32 33.42
C THR A 169 6.70 -6.11 32.16
N TYR A 170 5.53 -5.76 31.58
CA TYR A 170 4.94 -6.61 30.52
C TYR A 170 4.80 -5.88 29.20
N ASP A 171 5.05 -6.60 28.12
CA ASP A 171 4.73 -6.05 26.75
C ASP A 171 3.24 -6.14 26.43
N VAL A 172 2.58 -7.22 26.94
CA VAL A 172 1.13 -7.44 26.62
C VAL A 172 0.47 -7.93 27.90
N VAL A 173 -0.73 -7.41 28.20
CA VAL A 173 -1.53 -7.95 29.29
C VAL A 173 -2.85 -8.37 28.66
N ILE A 174 -3.28 -9.62 28.86
CA ILE A 174 -4.56 -10.09 28.29
C ILE A 174 -5.48 -10.37 29.44
N ILE A 175 -6.65 -9.73 29.48
CA ILE A 175 -7.58 -9.92 30.60
C ILE A 175 -8.76 -10.82 30.13
N ASP A 176 -8.60 -12.13 30.37
CA ASP A 176 -9.56 -13.17 30.00
C ASP A 176 -10.37 -13.54 31.23
N THR A 177 -11.28 -12.65 31.56
CA THR A 177 -12.15 -12.83 32.72
C THR A 177 -13.62 -13.19 32.38
N THR A 178 -14.33 -13.61 33.45
CA THR A 178 -15.75 -13.96 33.44
C THR A 178 -16.71 -12.81 33.07
N ALA A 191 -8.37 1.75 39.96
CA ALA A 191 -7.01 1.39 40.37
C ALA A 191 -6.45 0.28 39.46
N PHE A 192 -7.28 -0.73 39.15
CA PHE A 192 -6.91 -1.85 38.24
C PHE A 192 -6.41 -1.42 36.88
N TYR A 193 -7.22 -0.71 36.12
CA TYR A 193 -6.80 -0.34 34.77
C TYR A 193 -5.55 0.58 34.77
N LYS A 194 -5.37 1.34 35.85
CA LYS A 194 -4.20 2.22 36.00
C LYS A 194 -2.98 1.37 36.33
N ASP A 195 -3.17 0.33 37.15
CA ASP A 195 -2.11 -0.64 37.40
C ASP A 195 -1.74 -1.31 36.08
N VAL A 196 -2.72 -1.80 35.33
CA VAL A 196 -2.40 -2.38 33.99
C VAL A 196 -1.63 -1.39 33.10
N LEU A 197 -2.11 -0.14 33.01
CA LEU A 197 -1.36 0.86 32.27
C LEU A 197 0.13 0.95 32.76
N ARG A 198 0.31 0.94 34.09
CA ARG A 198 1.61 1.19 34.75
C ARG A 198 2.55 0.01 34.51
N ILE A 199 2.05 -1.23 34.69
CA ILE A 199 2.87 -2.45 34.50
C ILE A 199 3.21 -2.80 33.05
N LEU A 200 2.54 -2.14 32.10
CA LEU A 200 2.88 -2.24 30.71
C LEU A 200 4.13 -1.35 30.39
N LYS A 201 5.06 -1.89 29.59
CA LYS A 201 6.16 -1.14 28.96
C LYS A 201 5.59 -0.04 28.03
N PRO A 202 6.40 0.93 27.56
CA PRO A 202 5.85 2.06 26.80
C PRO A 202 5.09 1.65 25.52
N ASP A 203 5.49 0.53 24.87
CA ASP A 203 4.78 0.03 23.67
C ASP A 203 3.74 -1.04 24.02
N GLY A 204 3.36 -1.11 25.29
CA GLY A 204 2.43 -2.14 25.78
C GLY A 204 1.04 -2.20 25.13
N ILE A 205 0.52 -3.42 24.99
CA ILE A 205 -0.85 -3.63 24.46
C ILE A 205 -1.62 -4.34 25.59
N CYS A 206 -2.87 -3.96 25.83
CA CYS A 206 -3.75 -4.69 26.76
C CYS A 206 -4.96 -5.14 25.94
N CYS A 207 -5.40 -6.39 26.10
CA CYS A 207 -6.73 -6.67 25.55
C CYS A 207 -7.62 -7.36 26.56
N ASN A 208 -8.94 -7.17 26.48
CA ASN A 208 -9.77 -7.77 27.48
C ASN A 208 -10.96 -8.57 26.93
N GLN A 209 -11.80 -9.07 27.83
CA GLN A 209 -13.00 -9.79 27.43
C GLN A 209 -13.97 -8.65 27.30
N GLY A 210 -14.45 -8.41 26.10
CA GLY A 210 -15.15 -7.16 25.80
C GLY A 210 -16.67 -7.13 25.64
N GLU A 211 -17.38 -8.23 25.90
CA GLU A 211 -18.84 -8.10 26.01
C GLU A 211 -19.52 -8.02 24.64
N SER A 212 -20.85 -8.05 24.63
CA SER A 212 -21.62 -8.23 23.38
C SER A 212 -22.23 -6.89 22.87
N ILE A 213 -22.13 -6.61 21.56
CA ILE A 213 -22.73 -5.39 21.01
C ILE A 213 -24.27 -5.43 20.96
N TRP A 214 -24.84 -6.65 21.06
CA TRP A 214 -26.30 -6.86 21.11
C TRP A 214 -26.92 -6.64 22.51
N LEU A 215 -26.15 -7.00 23.53
CA LEU A 215 -26.71 -7.10 24.87
C LEU A 215 -26.06 -6.12 25.82
N ASP A 216 -24.86 -5.66 25.49
CA ASP A 216 -24.03 -4.88 26.42
C ASP A 216 -23.47 -3.65 25.75
N LEU A 217 -24.15 -3.09 24.75
CA LEU A 217 -23.53 -1.99 23.97
C LEU A 217 -23.19 -0.79 24.84
N GLU A 218 -24.09 -0.43 25.76
CA GLU A 218 -23.79 0.72 26.69
C GLU A 218 -22.55 0.41 27.59
N LEU A 219 -22.38 -0.84 28.04
CA LEU A 219 -21.17 -1.23 28.86
C LEU A 219 -19.92 -1.05 28.05
N ILE A 220 -19.97 -1.50 26.79
CA ILE A 220 -18.78 -1.36 25.95
C ILE A 220 -18.36 0.11 25.71
N GLU A 221 -19.33 0.99 25.44
CA GLU A 221 -19.00 2.39 25.26
C GLU A 221 -18.34 2.98 26.52
N LYS A 222 -18.91 2.68 27.67
CA LYS A 222 -18.49 3.22 28.98
C LYS A 222 -17.07 2.69 29.18
N MET A 223 -16.86 1.40 28.93
CA MET A 223 -15.52 0.82 29.24
C MET A 223 -14.48 1.36 28.28
N SER A 224 -14.83 1.48 27.01
CA SER A 224 -13.85 2.06 26.06
C SER A 224 -13.50 3.50 26.44
N ARG A 225 -14.50 4.28 26.84
CA ARG A 225 -14.21 5.62 27.37
C ARG A 225 -13.33 5.60 28.68
N PHE A 226 -13.68 4.75 29.63
CA PHE A 226 -12.99 4.65 30.91
C PHE A 226 -11.51 4.31 30.70
N ILE A 227 -11.25 3.36 29.81
CA ILE A 227 -9.88 2.95 29.52
C ILE A 227 -9.01 4.02 28.86
N ARG A 228 -9.58 4.71 27.89
CA ARG A 228 -8.96 5.86 27.26
C ARG A 228 -8.68 6.95 28.33
N GLU A 229 -9.67 7.20 29.19
CA GLU A 229 -9.55 8.17 30.30
C GLU A 229 -8.39 7.81 31.22
N THR A 230 -8.29 6.54 31.64
CA THR A 230 -7.20 6.13 32.53
C THR A 230 -5.83 6.37 31.89
N GLY A 231 -5.79 6.42 30.57
CA GLY A 231 -4.65 6.92 29.92
C GLY A 231 -4.11 6.09 28.81
N PHE A 232 -4.76 4.98 28.44
CA PHE A 232 -4.37 4.35 27.20
C PHE A 232 -4.62 5.30 26.07
N ALA A 233 -3.72 5.30 25.10
CA ALA A 233 -3.82 6.19 23.98
C ALA A 233 -4.86 5.87 22.91
N SER A 234 -5.17 4.58 22.70
CA SER A 234 -6.22 4.17 21.71
C SER A 234 -6.93 2.92 22.27
N VAL A 235 -8.23 2.75 21.97
CA VAL A 235 -8.96 1.53 22.39
C VAL A 235 -9.86 1.20 21.19
N GLN A 236 -9.84 -0.06 20.68
CA GLN A 236 -10.55 -0.40 19.45
C GLN A 236 -11.19 -1.74 19.77
N TYR A 237 -12.46 -1.92 19.44
CA TYR A 237 -13.14 -3.18 19.78
C TYR A 237 -13.09 -4.11 18.56
N ALA A 238 -12.65 -5.37 18.78
CA ALA A 238 -12.54 -6.36 17.71
C ALA A 238 -13.69 -7.38 17.97
N LEU A 239 -14.55 -7.55 16.98
CA LEU A 239 -15.73 -8.38 17.13
C LEU A 239 -15.40 -9.82 16.62
N MET A 240 -15.98 -10.85 17.23
CA MET A 240 -15.72 -12.22 16.75
C MET A 240 -17.00 -13.06 16.83
N HIS A 241 -17.05 -14.12 16.03
CA HIS A 241 -18.19 -15.04 16.02
C HIS A 241 -18.02 -16.24 16.99
N VAL A 242 -18.84 -16.32 18.06
CA VAL A 242 -18.73 -17.42 19.03
C VAL A 242 -20.13 -17.95 19.27
N PRO A 243 -20.38 -19.12 18.67
CA PRO A 243 -21.75 -19.67 18.62
C PRO A 243 -22.34 -19.89 20.02
N THR A 244 -21.49 -20.19 20.99
CA THR A 244 -22.07 -20.56 22.30
C THR A 244 -22.12 -19.37 23.26
N TYR A 245 -21.77 -18.17 22.80
CA TYR A 245 -21.91 -17.05 23.70
C TYR A 245 -23.24 -16.37 23.38
N PRO A 246 -23.83 -15.68 24.38
CA PRO A 246 -25.13 -15.02 24.21
C PRO A 246 -25.18 -14.15 22.91
N CYS A 247 -26.20 -14.37 22.09
CA CYS A 247 -26.40 -13.74 20.78
C CYS A 247 -25.32 -14.01 19.74
N GLY A 248 -24.45 -14.97 20.00
CA GLY A 248 -23.46 -15.49 19.02
C GLY A 248 -22.19 -14.72 18.67
N SER A 249 -21.87 -13.72 19.48
CA SER A 249 -20.66 -12.93 19.26
C SER A 249 -20.19 -12.39 20.63
N ILE A 250 -18.93 -11.98 20.64
CA ILE A 250 -18.36 -11.31 21.77
C ILE A 250 -17.26 -10.47 21.18
N GLY A 251 -16.64 -9.59 21.99
CA GLY A 251 -15.54 -8.82 21.42
C GLY A 251 -14.39 -8.68 22.43
N THR A 252 -13.37 -7.96 22.03
CA THR A 252 -12.24 -7.66 22.91
C THR A 252 -11.85 -6.22 22.66
N LEU A 253 -11.64 -5.44 23.70
CA LEU A 253 -11.06 -4.11 23.54
C LEU A 253 -9.55 -4.24 23.47
N VAL A 254 -8.99 -3.75 22.37
CA VAL A 254 -7.55 -3.79 22.14
C VAL A 254 -7.05 -2.37 22.33
N CYS A 255 -6.16 -2.18 23.32
CA CYS A 255 -5.85 -0.89 23.89
C CYS A 255 -4.38 -0.74 23.77
N SER A 256 -3.93 0.37 23.20
CA SER A 256 -2.52 0.62 23.16
C SER A 256 -2.08 1.76 24.14
N LYS A 257 -1.03 1.51 24.93
CA LYS A 257 -0.46 2.46 25.94
C LYS A 257 0.22 3.57 25.16
N LYS A 258 0.92 3.19 24.10
CA LYS A 258 1.55 4.16 23.23
C LYS A 258 0.56 4.77 22.25
N ALA A 259 0.52 6.10 22.24
CA ALA A 259 -0.33 6.85 21.35
C ALA A 259 0.08 6.61 19.90
N GLY A 260 -0.80 6.94 18.96
CA GLY A 260 -0.43 6.81 17.56
C GLY A 260 -0.41 5.39 17.00
N VAL A 261 -0.89 4.40 17.76
CA VAL A 261 -0.87 2.96 17.33
C VAL A 261 -2.23 2.55 16.75
N ASP A 262 -2.25 2.17 15.47
CA ASP A 262 -3.47 1.65 14.90
C ASP A 262 -3.58 0.10 15.03
N VAL A 263 -4.18 -0.41 16.11
CA VAL A 263 -4.22 -1.87 16.32
C VAL A 263 -5.12 -2.60 15.32
N THR A 264 -5.95 -1.86 14.55
CA THR A 264 -6.87 -2.50 13.57
C THR A 264 -6.17 -3.11 12.33
N LYS A 265 -4.95 -2.73 12.04
CA LYS A 265 -4.15 -3.54 11.05
C LYS A 265 -2.97 -4.23 11.79
N PRO A 266 -2.64 -5.53 11.47
CA PRO A 266 -1.54 -6.28 12.15
C PRO A 266 -0.16 -5.79 11.94
N LEU A 267 0.50 -5.59 13.05
CA LEU A 267 1.83 -5.03 13.09
C LEU A 267 2.85 -6.09 12.75
N ARG A 268 2.59 -7.31 13.20
CA ARG A 268 3.40 -8.46 12.85
C ARG A 268 2.49 -9.59 12.33
N PRO A 269 2.24 -9.58 11.01
CA PRO A 269 1.26 -10.47 10.38
C PRO A 269 1.56 -11.90 10.71
N VAL A 270 0.51 -12.64 11.10
CA VAL A 270 0.67 -14.03 11.49
C VAL A 270 1.13 -14.91 10.29
N GLU A 271 0.77 -14.54 9.06
CA GLU A 271 1.21 -15.31 7.89
C GLU A 271 2.73 -15.45 7.79
N ASP A 272 3.46 -14.50 8.32
CA ASP A 272 4.92 -14.56 8.29
C ASP A 272 5.55 -15.43 9.42
N MET A 273 4.72 -16.05 10.29
CA MET A 273 5.17 -16.90 11.38
C MET A 273 4.91 -18.35 11.06
N PRO A 274 5.63 -19.28 11.67
CA PRO A 274 5.53 -20.63 11.17
C PRO A 274 4.26 -21.42 11.58
N PHE A 275 3.47 -20.90 12.52
CA PHE A 275 2.26 -21.61 12.99
C PHE A 275 0.93 -21.09 12.35
N ALA A 276 1.03 -20.17 11.38
CA ALA A 276 -0.18 -19.47 10.78
C ALA A 276 -1.21 -20.51 10.40
N LYS A 277 -0.74 -21.59 9.75
CA LYS A 277 -1.69 -22.60 9.27
C LYS A 277 -2.22 -23.54 10.32
N ASP A 278 -1.69 -23.53 11.52
CA ASP A 278 -2.28 -24.32 12.60
C ASP A 278 -3.55 -23.69 13.17
N LEU A 279 -3.77 -22.40 12.88
CA LEU A 279 -4.93 -21.69 13.46
C LEU A 279 -6.22 -22.07 12.71
N LYS A 280 -7.33 -22.10 13.44
CA LYS A 280 -8.61 -22.44 12.86
C LYS A 280 -9.53 -21.27 12.62
N TYR A 281 -9.22 -20.10 13.22
CA TYR A 281 -10.07 -18.91 13.02
C TYR A 281 -9.24 -17.75 12.51
N TYR A 282 -8.26 -17.31 13.32
CA TYR A 282 -7.54 -16.04 13.10
C TYR A 282 -6.59 -16.05 11.89
N ASP A 283 -6.59 -14.97 11.13
CA ASP A 283 -5.48 -14.68 10.19
C ASP A 283 -5.56 -13.15 10.02
N SER A 284 -4.75 -12.58 9.11
CA SER A 284 -4.69 -11.12 9.01
C SER A 284 -5.94 -10.56 8.39
N GLU A 285 -6.57 -11.29 7.50
CA GLU A 285 -7.85 -10.79 6.96
C GLU A 285 -8.93 -10.68 8.05
N MET A 286 -8.95 -11.68 8.92
CA MET A 286 -9.93 -11.72 10.02
C MET A 286 -9.62 -10.69 11.07
N HIS A 287 -8.33 -10.44 11.28
CA HIS A 287 -7.89 -9.37 12.18
C HIS A 287 -8.48 -8.02 11.72
N LYS A 288 -8.21 -7.69 10.47
CA LYS A 288 -8.71 -6.41 9.85
C LYS A 288 -10.25 -6.38 9.88
N ALA A 289 -10.84 -7.50 9.47
CA ALA A 289 -12.31 -7.65 9.45
C ALA A 289 -12.93 -7.45 10.82
N SER A 290 -12.25 -7.89 11.90
CA SER A 290 -12.87 -7.87 13.20
C SER A 290 -13.12 -6.45 13.70
N PHE A 291 -12.36 -5.47 13.17
CA PHE A 291 -12.52 -4.06 13.65
C PHE A 291 -13.60 -3.31 12.86
N ALA A 292 -14.16 -3.97 11.88
CA ALA A 292 -15.29 -3.38 11.15
C ALA A 292 -16.57 -3.67 11.93
N LEU A 293 -17.22 -2.62 12.44
CA LEU A 293 -18.40 -2.82 13.27
C LEU A 293 -19.67 -2.44 12.53
N PRO A 294 -20.79 -3.09 12.85
CA PRO A 294 -22.09 -2.67 12.26
C PRO A 294 -22.29 -1.17 12.52
N ARG A 295 -22.92 -0.46 11.59
CA ARG A 295 -23.16 0.98 11.88
C ARG A 295 -23.69 1.28 13.26
N PHE A 296 -24.66 0.50 13.77
CA PHE A 296 -25.26 0.84 15.08
C PHE A 296 -24.19 0.83 16.22
N ALA A 297 -23.10 0.08 16.02
CA ALA A 297 -22.06 -0.05 17.05
C ALA A 297 -20.81 0.74 16.76
N ARG A 298 -20.76 1.33 15.57
CA ARG A 298 -19.46 1.82 15.07
C ARG A 298 -18.89 2.96 15.90
N HIS A 299 -19.76 3.69 16.65
CA HIS A 299 -19.29 4.80 17.49
C HIS A 299 -18.35 4.27 18.60
N ILE A 300 -18.46 2.98 18.95
CA ILE A 300 -17.43 2.36 19.80
C ILE A 300 -15.99 2.62 19.24
N ASN A 301 -15.77 2.46 17.94
CA ASN A 301 -14.37 2.58 17.34
C ASN A 301 -14.09 3.84 16.59
N ASN A 302 -15.15 4.58 16.21
CA ASN A 302 -15.13 5.39 14.96
C ASN A 302 -14.28 4.87 13.82
N GLU B 13 -48.88 -24.90 19.70
CA GLU B 13 -50.11 -24.19 20.10
C GLU B 13 -49.72 -23.15 21.17
N LEU B 14 -49.12 -22.04 20.75
CA LEU B 14 -48.49 -21.09 21.68
C LEU B 14 -49.43 -20.29 22.58
N ILE B 15 -48.99 -20.04 23.81
CA ILE B 15 -49.77 -19.31 24.79
C ILE B 15 -48.98 -18.18 25.46
N SER B 16 -49.66 -17.04 25.63
CA SER B 16 -49.11 -15.93 26.36
C SER B 16 -48.62 -16.37 27.71
N GLY B 17 -47.39 -15.97 28.00
CA GLY B 17 -46.64 -16.40 29.19
C GLY B 17 -45.91 -17.75 29.05
N GLY B 18 -46.23 -18.52 28.01
CA GLY B 18 -45.49 -19.75 27.72
C GLY B 18 -44.15 -19.34 27.04
N TRP B 19 -43.33 -20.33 26.72
CA TRP B 19 -42.05 -20.11 26.06
C TRP B 19 -42.08 -20.77 24.67
N PHE B 20 -41.59 -20.03 23.69
CA PHE B 20 -41.44 -20.57 22.30
C PHE B 20 -40.07 -21.23 22.32
N ARG B 21 -40.01 -22.50 21.94
CA ARG B 21 -38.73 -23.22 21.94
C ARG B 21 -38.39 -23.63 20.50
N GLU B 22 -37.14 -23.41 20.11
CA GLU B 22 -36.68 -23.73 18.77
C GLU B 22 -35.58 -24.80 18.91
N GLU B 23 -35.86 -26.01 18.44
CA GLU B 23 -34.90 -27.13 18.43
C GLU B 23 -35.00 -27.70 17.02
N ASN B 24 -33.88 -28.10 16.44
CA ASN B 24 -33.87 -28.70 15.11
C ASN B 24 -33.08 -29.98 15.18
N ASP B 25 -33.71 -31.12 14.89
CA ASP B 25 -33.03 -32.42 15.08
C ASP B 25 -31.99 -32.69 13.99
N GLN B 26 -32.00 -31.87 12.93
CA GLN B 26 -30.81 -31.71 12.10
C GLN B 26 -29.59 -31.27 12.93
N TRP B 27 -29.83 -30.51 14.01
CA TRP B 27 -28.76 -30.02 14.92
C TRP B 27 -28.98 -30.49 16.39
N PRO B 28 -28.78 -31.80 16.66
CA PRO B 28 -29.38 -32.38 17.89
C PRO B 28 -28.75 -31.92 19.23
N GLY B 29 -29.59 -31.75 20.24
CA GLY B 29 -29.17 -31.37 21.60
C GLY B 29 -28.85 -29.90 21.94
N GLN B 30 -29.28 -28.98 21.10
CA GLN B 30 -29.21 -27.52 21.40
C GLN B 30 -30.62 -26.95 21.19
N ALA B 31 -31.01 -25.95 21.98
CA ALA B 31 -32.27 -25.21 21.80
C ALA B 31 -32.07 -23.75 22.21
N MET B 32 -32.89 -22.86 21.66
CA MET B 32 -33.01 -21.46 22.02
C MET B 32 -34.49 -21.21 22.29
N SER B 33 -34.79 -20.31 23.23
CA SER B 33 -36.17 -20.08 23.72
C SER B 33 -36.37 -18.63 23.97
N LEU B 34 -37.61 -18.17 23.67
CA LEU B 34 -38.07 -16.84 23.98
C LEU B 34 -39.42 -16.98 24.69
N ARG B 35 -39.57 -16.30 25.82
CA ARG B 35 -40.86 -16.22 26.51
C ARG B 35 -41.86 -15.42 25.62
N VAL B 36 -43.11 -15.83 25.62
CA VAL B 36 -44.14 -15.18 24.78
C VAL B 36 -44.94 -14.18 25.60
N GLU B 37 -44.99 -12.92 25.22
CA GLU B 37 -45.83 -11.95 25.98
C GLU B 37 -47.23 -11.98 25.39
N LYS B 38 -47.34 -11.95 24.06
CA LYS B 38 -48.66 -12.04 23.38
C LYS B 38 -48.58 -12.79 22.03
N VAL B 39 -49.45 -13.81 21.85
CA VAL B 39 -49.60 -14.48 20.54
C VAL B 39 -50.41 -13.62 19.56
N LEU B 40 -49.91 -13.40 18.34
CA LEU B 40 -50.58 -12.62 17.31
C LEU B 40 -51.10 -13.47 16.18
N TYR B 41 -50.44 -14.61 15.94
CA TYR B 41 -50.87 -15.53 14.88
C TYR B 41 -50.22 -16.83 15.18
N ASP B 42 -50.93 -17.92 15.03
CA ASP B 42 -50.34 -19.21 15.19
C ASP B 42 -51.23 -20.23 14.51
N ALA B 43 -50.91 -20.61 13.26
CA ALA B 43 -51.83 -21.37 12.44
C ALA B 43 -51.11 -21.96 11.23
N PRO B 44 -51.60 -23.13 10.73
CA PRO B 44 -51.16 -23.62 9.43
C PRO B 44 -51.57 -22.66 8.33
N THR B 45 -50.70 -22.56 7.34
CA THR B 45 -50.94 -21.71 6.20
C THR B 45 -51.09 -22.81 5.14
N LYS B 46 -51.34 -22.48 3.87
CA LYS B 46 -51.37 -23.55 2.88
C LYS B 46 -50.03 -24.25 2.72
N PHE B 47 -48.94 -23.57 3.10
CA PHE B 47 -47.55 -24.02 2.83
C PHE B 47 -46.64 -24.30 4.03
N GLN B 48 -46.91 -23.64 5.16
CA GLN B 48 -46.07 -23.81 6.33
C GLN B 48 -46.78 -23.35 7.61
N HIS B 49 -46.19 -23.69 8.74
CA HIS B 49 -46.76 -23.20 10.01
C HIS B 49 -46.21 -21.77 10.28
N LEU B 50 -47.12 -20.79 10.40
CA LEU B 50 -46.76 -19.40 10.66
C LEU B 50 -47.12 -19.02 12.06
N THR B 51 -46.11 -18.54 12.78
CA THR B 51 -46.24 -18.08 14.19
C THR B 51 -45.67 -16.66 14.34
N ILE B 52 -46.50 -15.75 14.87
CA ILE B 52 -46.08 -14.41 15.21
C ILE B 52 -46.48 -14.05 16.67
N PHE B 53 -45.52 -13.51 17.43
CA PHE B 53 -45.74 -13.22 18.85
C PHE B 53 -44.91 -12.05 19.27
N GLU B 54 -45.45 -11.30 20.25
CA GLU B 54 -44.69 -10.33 20.95
C GLU B 54 -43.81 -11.01 21.99
N SER B 55 -42.51 -10.74 21.97
CA SER B 55 -41.62 -11.43 22.95
C SER B 55 -41.67 -10.63 24.25
N ASP B 56 -40.89 -11.04 25.24
CA ASP B 56 -40.92 -10.35 26.57
C ASP B 56 -40.61 -8.88 26.41
N PRO B 57 -41.50 -7.95 26.86
CA PRO B 57 -41.17 -6.51 26.72
C PRO B 57 -40.00 -6.03 27.58
N LYS B 58 -39.53 -6.86 28.54
CA LYS B 58 -38.31 -6.58 29.28
C LYS B 58 -37.05 -6.97 28.45
N GLY B 59 -37.25 -7.69 27.33
CA GLY B 59 -36.16 -8.09 26.42
C GLY B 59 -36.24 -7.20 25.18
N PRO B 60 -35.23 -7.29 24.30
CA PRO B 60 -35.09 -6.31 23.21
C PRO B 60 -35.81 -6.69 21.91
N TRP B 61 -36.26 -7.93 21.81
CA TRP B 61 -36.52 -8.56 20.46
C TRP B 61 -37.76 -8.00 19.80
N GLY B 62 -38.71 -7.50 20.61
CA GLY B 62 -39.98 -7.04 20.01
C GLY B 62 -40.80 -8.17 19.43
N THR B 63 -41.45 -7.92 18.27
CA THR B 63 -42.25 -8.96 17.64
C THR B 63 -41.36 -9.95 16.89
N VAL B 64 -41.77 -11.21 16.89
CA VAL B 64 -41.01 -12.33 16.32
C VAL B 64 -41.92 -13.08 15.35
N MET B 65 -41.41 -13.37 14.13
CA MET B 65 -42.02 -14.35 13.26
C MET B 65 -41.22 -15.66 13.08
N ALA B 66 -41.87 -16.79 13.15
CA ALA B 66 -41.24 -18.07 12.90
C ALA B 66 -42.01 -18.80 11.80
N LEU B 67 -41.29 -19.55 10.96
CA LEU B 67 -41.93 -20.43 9.95
C LEU B 67 -41.51 -21.86 10.19
N ASP B 68 -42.49 -22.75 10.39
CA ASP B 68 -42.22 -24.14 10.79
C ASP B 68 -41.24 -24.21 11.92
N GLY B 69 -41.55 -23.41 12.95
CA GLY B 69 -40.75 -23.40 14.18
C GLY B 69 -39.41 -22.73 14.14
N CYS B 70 -39.05 -22.11 13.01
CA CYS B 70 -37.76 -21.43 12.86
C CYS B 70 -37.97 -19.92 12.80
N ILE B 71 -37.32 -19.20 13.70
CA ILE B 71 -37.41 -17.74 13.68
C ILE B 71 -36.92 -17.16 12.32
N GLN B 72 -37.71 -16.30 11.68
CA GLN B 72 -37.36 -15.70 10.43
C GLN B 72 -36.99 -14.23 10.59
N VAL B 73 -37.73 -13.53 11.46
CA VAL B 73 -37.53 -12.10 11.58
C VAL B 73 -37.83 -11.69 13.02
N THR B 74 -37.04 -10.80 13.59
CA THR B 74 -37.51 -10.12 14.83
C THR B 74 -37.40 -8.65 14.59
N ASP B 75 -38.13 -7.83 15.35
CA ASP B 75 -37.94 -6.40 15.20
C ASP B 75 -36.53 -5.99 15.43
N TYR B 76 -35.87 -6.57 16.43
CA TYR B 76 -34.59 -5.98 16.90
C TYR B 76 -33.43 -6.19 15.92
N ASP B 77 -33.41 -7.35 15.26
CA ASP B 77 -32.25 -7.63 14.37
C ASP B 77 -32.59 -7.83 12.88
N GLU B 78 -33.83 -7.65 12.45
CA GLU B 78 -34.21 -7.90 11.04
C GLU B 78 -33.38 -7.08 10.04
N PHE B 79 -32.89 -5.91 10.45
CA PHE B 79 -32.15 -5.04 9.54
C PHE B 79 -30.86 -5.67 9.04
N VAL B 80 -30.22 -6.55 9.83
CA VAL B 80 -28.92 -7.18 9.40
C VAL B 80 -29.08 -7.91 8.08
N TYR B 81 -29.84 -8.98 8.08
CA TYR B 81 -29.95 -9.83 6.91
C TYR B 81 -30.56 -9.03 5.73
N HIS B 82 -31.54 -8.17 6.01
CA HIS B 82 -32.16 -7.40 4.90
C HIS B 82 -31.22 -6.40 4.31
N GLU B 83 -30.45 -5.66 5.14
CA GLU B 83 -29.46 -4.81 4.56
C GLU B 83 -28.32 -5.52 3.83
N VAL B 84 -27.84 -6.61 4.41
CA VAL B 84 -26.71 -7.33 3.72
C VAL B 84 -27.21 -7.87 2.38
N LEU B 85 -28.35 -8.53 2.35
CA LEU B 85 -28.77 -9.14 1.06
C LEU B 85 -29.03 -8.00 0.06
N GLY B 86 -29.71 -6.97 0.50
CA GLY B 86 -30.08 -5.91 -0.45
C GLY B 86 -28.88 -5.06 -0.92
N HIS B 87 -28.00 -4.63 -0.02
CA HIS B 87 -26.95 -3.71 -0.42
C HIS B 87 -25.70 -4.40 -0.99
N THR B 88 -25.32 -5.54 -0.44
CA THR B 88 -24.10 -6.25 -0.92
C THR B 88 -24.33 -6.59 -2.42
N SER B 89 -25.57 -7.00 -2.74
CA SER B 89 -25.91 -7.27 -4.18
C SER B 89 -25.98 -6.04 -5.05
N LEU B 90 -26.83 -5.06 -4.68
CA LEU B 90 -26.99 -3.85 -5.54
C LEU B 90 -25.75 -2.95 -5.64
N CYS B 91 -24.93 -2.91 -4.57
CA CYS B 91 -23.70 -2.14 -4.59
C CYS B 91 -22.62 -2.88 -5.35
N SER B 92 -22.87 -4.14 -5.73
CA SER B 92 -21.91 -4.87 -6.57
C SER B 92 -22.31 -4.80 -8.06
N HIS B 93 -23.42 -4.12 -8.37
CA HIS B 93 -23.95 -4.05 -9.77
C HIS B 93 -23.77 -2.63 -10.30
N PRO B 94 -23.38 -2.47 -11.60
CA PRO B 94 -23.11 -1.13 -12.15
C PRO B 94 -24.35 -0.29 -12.29
N LYS B 95 -25.52 -0.90 -12.43
CA LYS B 95 -26.74 -0.08 -12.64
C LYS B 95 -27.97 -0.94 -12.46
N PRO B 96 -28.40 -1.15 -11.20
CA PRO B 96 -29.34 -2.24 -11.07
C PRO B 96 -30.75 -1.63 -11.23
N GLU B 97 -31.35 -1.86 -12.39
CA GLU B 97 -32.62 -1.19 -12.77
C GLU B 97 -33.80 -2.07 -12.51
N ARG B 98 -33.61 -3.36 -12.77
CA ARG B 98 -34.67 -4.32 -12.61
C ARG B 98 -34.27 -5.45 -11.66
N VAL B 99 -35.09 -5.64 -10.64
CA VAL B 99 -34.65 -6.54 -9.55
C VAL B 99 -35.71 -7.58 -9.32
N LEU B 100 -35.33 -8.82 -9.02
CA LEU B 100 -36.26 -9.88 -8.63
C LEU B 100 -35.92 -10.33 -7.21
N ILE B 101 -36.95 -10.44 -6.36
CA ILE B 101 -36.76 -11.10 -5.06
C ILE B 101 -37.63 -12.32 -5.05
N ILE B 102 -37.03 -13.48 -4.76
CA ILE B 102 -37.74 -14.70 -4.55
C ILE B 102 -37.84 -14.95 -3.05
N GLY B 103 -39.08 -15.14 -2.56
CA GLY B 103 -39.32 -15.25 -1.11
C GLY B 103 -39.49 -13.81 -0.69
N GLY B 104 -38.94 -13.46 0.46
CA GLY B 104 -38.99 -12.08 0.95
C GLY B 104 -40.40 -11.54 1.18
N GLY B 105 -41.35 -12.43 1.49
CA GLY B 105 -42.73 -12.02 1.69
C GLY B 105 -42.91 -10.99 2.79
N ASP B 106 -42.00 -10.96 3.79
CA ASP B 106 -42.03 -9.97 4.88
C ASP B 106 -41.75 -8.57 4.45
N GLY B 107 -41.08 -8.40 3.29
CA GLY B 107 -40.84 -7.07 2.76
C GLY B 107 -39.44 -6.46 3.00
N GLY B 108 -38.62 -7.11 3.81
CA GLY B 108 -37.39 -6.46 4.33
C GLY B 108 -36.35 -6.21 3.24
N VAL B 109 -36.08 -7.23 2.45
CA VAL B 109 -35.12 -7.09 1.37
C VAL B 109 -35.66 -6.04 0.43
N LEU B 110 -36.96 -6.07 0.21
CA LEU B 110 -37.55 -5.15 -0.79
C LEU B 110 -37.39 -3.70 -0.31
N ARG B 111 -37.55 -3.45 1.00
CA ARG B 111 -37.37 -2.10 1.58
C ARG B 111 -36.00 -1.63 1.28
N GLU B 112 -35.01 -2.53 1.47
CA GLU B 112 -33.63 -2.14 1.23
C GLU B 112 -33.35 -1.93 -0.23
N VAL B 113 -33.82 -2.81 -1.07
CA VAL B 113 -33.62 -2.62 -2.52
C VAL B 113 -34.19 -1.26 -3.02
N LEU B 114 -35.38 -0.90 -2.56
CA LEU B 114 -36.09 0.32 -3.00
C LEU B 114 -35.44 1.60 -2.48
N ARG B 115 -34.53 1.47 -1.49
CA ARG B 115 -33.69 2.61 -1.14
C ARG B 115 -32.88 3.10 -2.34
N HIS B 116 -32.60 2.24 -3.33
CA HIS B 116 -31.66 2.58 -4.37
C HIS B 116 -32.41 3.34 -5.50
N GLY B 117 -31.89 4.49 -5.89
CA GLY B 117 -32.53 5.34 -6.94
C GLY B 117 -32.41 4.75 -8.33
N THR B 118 -31.44 3.86 -8.54
CA THR B 118 -31.28 3.23 -9.85
C THR B 118 -32.39 2.21 -10.17
N VAL B 119 -33.04 1.73 -9.11
CA VAL B 119 -34.07 0.70 -9.24
C VAL B 119 -35.35 1.29 -9.82
N GLU B 120 -35.70 0.83 -11.02
CA GLU B 120 -36.92 1.32 -11.70
C GLU B 120 -38.04 0.45 -11.31
N HIS B 121 -37.73 -0.84 -11.14
CA HIS B 121 -38.74 -1.82 -10.82
C HIS B 121 -38.21 -3.06 -10.09
N CYS B 122 -38.98 -3.52 -9.11
CA CYS B 122 -38.68 -4.78 -8.40
C CYS B 122 -39.86 -5.69 -8.34
N ASP B 123 -39.70 -6.88 -8.89
CA ASP B 123 -40.63 -7.96 -8.73
C ASP B 123 -40.31 -8.75 -7.50
N LEU B 124 -41.35 -9.12 -6.78
CA LEU B 124 -41.19 -9.97 -5.61
C LEU B 124 -42.16 -11.10 -5.74
N VAL B 125 -41.69 -12.31 -5.57
CA VAL B 125 -42.60 -13.44 -5.63
C VAL B 125 -42.46 -14.38 -4.47
N ASP B 126 -43.49 -14.47 -3.63
CA ASP B 126 -43.42 -15.38 -2.46
C ASP B 126 -44.55 -16.41 -2.51
N ILE B 127 -44.28 -17.65 -2.11
CA ILE B 127 -45.25 -18.72 -2.32
C ILE B 127 -46.43 -18.58 -1.34
N ASP B 128 -46.19 -17.89 -0.22
CA ASP B 128 -47.17 -17.85 0.90
C ASP B 128 -47.78 -16.47 1.07
N GLY B 129 -48.97 -16.27 0.52
CA GLY B 129 -49.61 -14.96 0.60
C GLY B 129 -49.88 -14.55 2.05
N GLU B 130 -50.05 -15.50 2.93
CA GLU B 130 -50.33 -15.18 4.35
C GLU B 130 -49.09 -14.52 5.05
N VAL B 131 -47.87 -14.83 4.55
CA VAL B 131 -46.69 -14.22 5.12
C VAL B 131 -46.75 -12.74 4.84
N MET B 132 -47.10 -12.36 3.60
CA MET B 132 -47.25 -10.93 3.28
C MET B 132 -48.36 -10.30 4.11
N GLU B 133 -49.47 -11.04 4.22
CA GLU B 133 -50.66 -10.44 4.90
C GLU B 133 -50.31 -10.16 6.38
N GLN B 134 -49.76 -11.15 7.05
CA GLN B 134 -49.31 -11.02 8.46
C GLN B 134 -48.15 -10.04 8.68
N SER B 135 -47.25 -9.90 7.69
CA SER B 135 -46.20 -8.88 7.84
C SER B 135 -46.77 -7.47 7.74
N LYS B 136 -47.79 -7.28 6.86
CA LYS B 136 -48.43 -5.96 6.78
C LYS B 136 -49.07 -5.61 8.12
N GLN B 137 -49.71 -6.60 8.73
CA GLN B 137 -50.47 -6.40 9.98
C GLN B 137 -49.54 -6.24 11.17
N HIS B 138 -48.49 -7.06 11.20
CA HIS B 138 -47.68 -7.15 12.40
C HIS B 138 -46.24 -6.67 12.34
N PHE B 139 -45.71 -6.41 11.14
CA PHE B 139 -44.38 -5.82 11.02
C PHE B 139 -44.38 -4.65 10.07
N PRO B 140 -45.09 -3.56 10.44
CA PRO B 140 -45.24 -2.47 9.46
C PRO B 140 -43.92 -1.80 9.06
N GLN B 141 -42.91 -1.79 9.94
CA GLN B 141 -41.63 -1.21 9.62
C GLN B 141 -40.81 -2.09 8.58
N ILE B 142 -41.22 -3.35 8.42
CA ILE B 142 -40.54 -4.27 7.51
C ILE B 142 -41.34 -4.28 6.22
N SER B 143 -42.66 -4.34 6.34
CA SER B 143 -43.55 -4.59 5.21
C SER B 143 -44.02 -3.35 4.42
N ARG B 144 -43.56 -2.14 4.80
CA ARG B 144 -44.09 -0.86 4.26
C ARG B 144 -43.85 -0.86 2.76
N SER B 145 -42.73 -1.48 2.40
CA SER B 145 -42.28 -1.61 1.03
C SER B 145 -43.25 -2.33 0.06
N LEU B 146 -44.06 -3.27 0.57
CA LEU B 146 -44.84 -4.19 -0.27
C LEU B 146 -45.87 -3.44 -1.13
N ALA B 147 -46.27 -2.25 -0.67
CA ALA B 147 -47.23 -1.41 -1.38
C ALA B 147 -46.59 -0.34 -2.27
N ASP B 148 -45.25 -0.38 -2.44
CA ASP B 148 -44.56 0.63 -3.26
C ASP B 148 -44.91 0.44 -4.77
N PRO B 149 -45.32 1.54 -5.45
CA PRO B 149 -45.67 1.34 -6.88
C PRO B 149 -44.49 0.81 -7.66
N ARG B 150 -43.25 1.00 -7.15
CA ARG B 150 -42.04 0.46 -7.81
C ARG B 150 -41.89 -1.04 -7.73
N ALA B 151 -42.67 -1.65 -6.84
CA ALA B 151 -42.70 -3.06 -6.58
C ALA B 151 -43.90 -3.73 -7.29
N THR B 152 -43.66 -4.93 -7.78
CA THR B 152 -44.77 -5.83 -8.09
C THR B 152 -44.69 -7.07 -7.21
N VAL B 153 -45.64 -7.22 -6.29
CA VAL B 153 -45.68 -8.30 -5.31
C VAL B 153 -46.65 -9.36 -5.72
N ARG B 154 -46.15 -10.57 -5.96
CA ARG B 154 -46.92 -11.66 -6.49
C ARG B 154 -46.84 -12.83 -5.57
N VAL B 155 -47.97 -13.56 -5.44
CA VAL B 155 -48.01 -14.81 -4.72
C VAL B 155 -47.81 -15.97 -5.72
N GLY B 156 -46.80 -16.81 -5.54
CA GLY B 156 -46.48 -17.90 -6.49
C GLY B 156 -45.22 -18.61 -6.10
N ASP B 157 -45.02 -19.79 -6.66
CA ASP B 157 -43.78 -20.53 -6.55
C ASP B 157 -42.71 -19.83 -7.39
N GLY B 158 -41.54 -19.52 -6.76
CA GLY B 158 -40.37 -18.85 -7.39
C GLY B 158 -39.82 -19.73 -8.51
N LEU B 159 -39.96 -21.04 -8.30
CA LEU B 159 -39.45 -22.06 -9.29
C LEU B 159 -40.14 -21.94 -10.63
N ALA B 160 -41.46 -21.93 -10.57
CA ALA B 160 -42.28 -21.71 -11.74
C ALA B 160 -42.06 -20.32 -12.33
N PHE B 161 -41.96 -19.30 -11.49
CA PHE B 161 -41.85 -17.91 -11.94
C PHE B 161 -40.58 -17.72 -12.76
N VAL B 162 -39.46 -18.22 -12.26
CA VAL B 162 -38.22 -18.07 -13.07
C VAL B 162 -38.26 -18.95 -14.34
N ARG B 163 -38.86 -20.15 -14.27
CA ARG B 163 -38.96 -20.98 -15.48
C ARG B 163 -39.72 -20.21 -16.57
N GLN B 164 -40.73 -19.43 -16.19
CA GLN B 164 -41.52 -18.68 -17.19
C GLN B 164 -41.05 -17.24 -17.42
N THR B 165 -39.91 -16.86 -16.85
CA THR B 165 -39.30 -15.54 -17.11
C THR B 165 -38.42 -15.66 -18.34
N PRO B 166 -38.52 -14.67 -19.29
CA PRO B 166 -37.59 -14.64 -20.45
C PRO B 166 -36.13 -14.51 -20.06
N ASP B 167 -35.27 -14.88 -20.98
CA ASP B 167 -33.85 -14.68 -20.80
C ASP B 167 -33.63 -13.20 -20.62
N ASN B 168 -32.58 -12.83 -19.89
CA ASN B 168 -32.06 -11.50 -19.85
C ASN B 168 -33.07 -10.48 -19.36
N THR B 169 -33.78 -10.82 -18.28
CA THR B 169 -34.78 -9.94 -17.72
C THR B 169 -34.29 -9.10 -16.55
N TYR B 170 -33.44 -9.68 -15.69
CA TYR B 170 -33.13 -8.98 -14.42
C TYR B 170 -31.69 -8.60 -14.27
N ASP B 171 -31.40 -7.48 -13.62
CA ASP B 171 -30.01 -7.15 -13.26
C ASP B 171 -29.56 -7.88 -12.00
N VAL B 172 -30.48 -8.03 -11.08
CA VAL B 172 -30.14 -8.62 -9.78
C VAL B 172 -31.29 -9.60 -9.38
N VAL B 173 -30.92 -10.81 -8.90
CA VAL B 173 -31.92 -11.74 -8.40
C VAL B 173 -31.49 -12.05 -6.96
N ILE B 174 -32.39 -11.85 -6.00
CA ILE B 174 -32.09 -12.18 -4.58
C ILE B 174 -33.02 -13.26 -4.10
N ILE B 175 -32.44 -14.33 -3.58
CA ILE B 175 -33.19 -15.50 -3.21
C ILE B 175 -33.29 -15.56 -1.71
N ASP B 176 -34.38 -15.00 -1.20
CA ASP B 176 -34.55 -14.80 0.25
C ASP B 176 -35.56 -15.83 0.73
N THR B 177 -35.11 -17.08 0.79
CA THR B 177 -35.97 -18.21 1.04
C THR B 177 -35.80 -18.73 2.48
N THR B 178 -36.71 -19.61 2.94
CA THR B 178 -36.47 -20.42 4.14
C THR B 178 -35.31 -21.45 3.84
N ASP B 179 -35.18 -22.49 4.65
CA ASP B 179 -34.08 -23.48 4.48
C ASP B 179 -34.34 -24.66 3.47
N PRO B 180 -33.33 -25.56 3.24
CA PRO B 180 -33.47 -26.71 2.28
C PRO B 180 -34.55 -27.75 2.63
N ALA B 181 -34.84 -27.93 3.92
CA ALA B 181 -35.80 -28.94 4.40
C ALA B 181 -37.28 -28.69 4.00
N GLY B 182 -37.67 -27.45 3.72
CA GLY B 182 -39.10 -27.08 3.50
C GLY B 182 -39.52 -26.72 2.08
N PRO B 183 -40.46 -25.75 1.93
CA PRO B 183 -40.98 -25.36 0.57
C PRO B 183 -39.93 -24.72 -0.38
N ALA B 184 -38.80 -24.28 0.22
CA ALA B 184 -37.66 -23.69 -0.46
C ALA B 184 -36.63 -24.72 -1.01
N SER B 185 -36.97 -26.01 -1.00
CA SER B 185 -36.00 -27.09 -1.25
C SER B 185 -35.25 -27.13 -2.60
N LYS B 186 -35.97 -26.83 -3.68
CA LYS B 186 -35.43 -26.88 -5.04
C LYS B 186 -34.73 -25.58 -5.37
N LEU B 187 -34.84 -24.62 -4.45
CA LEU B 187 -34.21 -23.31 -4.56
C LEU B 187 -32.72 -23.34 -4.07
N PHE B 188 -32.23 -24.54 -3.79
CA PHE B 188 -30.89 -24.74 -3.24
C PHE B 188 -30.06 -25.58 -4.24
N ALA B 191 -31.93 -27.31 -12.40
CA ALA B 191 -32.80 -26.52 -13.35
C ALA B 191 -33.15 -25.08 -12.81
N PHE B 192 -33.50 -24.96 -11.52
CA PHE B 192 -33.65 -23.61 -10.88
C PHE B 192 -32.44 -22.64 -11.01
N TYR B 193 -31.25 -23.06 -10.60
CA TYR B 193 -30.09 -22.20 -10.65
C TYR B 193 -29.61 -21.83 -12.12
N LYS B 194 -30.04 -22.66 -13.09
CA LYS B 194 -29.71 -22.45 -14.49
C LYS B 194 -30.72 -21.45 -14.98
N ASP B 195 -31.95 -21.52 -14.47
CA ASP B 195 -32.97 -20.57 -14.81
C ASP B 195 -32.51 -19.21 -14.29
N VAL B 196 -31.92 -19.14 -13.08
CA VAL B 196 -31.55 -17.85 -12.50
C VAL B 196 -30.44 -17.24 -13.34
N LEU B 197 -29.49 -18.10 -13.74
CA LEU B 197 -28.43 -17.65 -14.60
C LEU B 197 -28.99 -17.09 -15.90
N ARG B 198 -29.98 -17.76 -16.43
CA ARG B 198 -30.52 -17.44 -17.75
C ARG B 198 -31.35 -16.17 -17.75
N ILE B 199 -32.09 -15.91 -16.65
CA ILE B 199 -32.94 -14.68 -16.63
C ILE B 199 -32.15 -13.44 -16.24
N LEU B 200 -30.91 -13.64 -15.76
CA LEU B 200 -30.07 -12.52 -15.48
C LEU B 200 -29.52 -11.95 -16.81
N LYS B 201 -29.42 -10.61 -16.87
CA LYS B 201 -28.68 -9.88 -17.92
C LYS B 201 -27.17 -10.12 -17.76
N PRO B 202 -26.38 -9.78 -18.80
CA PRO B 202 -24.95 -10.08 -18.78
C PRO B 202 -24.19 -9.64 -17.54
N ASP B 203 -24.52 -8.46 -16.98
CA ASP B 203 -23.82 -7.96 -15.79
C ASP B 203 -24.53 -8.45 -14.49
N GLY B 204 -25.38 -9.46 -14.61
CA GLY B 204 -26.29 -9.92 -13.54
C GLY B 204 -25.54 -10.33 -12.25
N ILE B 205 -26.16 -10.07 -11.08
CA ILE B 205 -25.62 -10.51 -9.77
C ILE B 205 -26.76 -11.33 -9.10
N CYS B 206 -26.44 -12.45 -8.47
CA CYS B 206 -27.47 -13.26 -7.77
C CYS B 206 -26.98 -13.35 -6.34
N CYS B 207 -27.85 -13.17 -5.35
CA CYS B 207 -27.42 -13.58 -4.03
C CYS B 207 -28.47 -14.37 -3.38
N ASN B 208 -28.01 -15.28 -2.55
CA ASN B 208 -28.97 -16.18 -1.93
C ASN B 208 -29.00 -16.20 -0.40
N GLN B 209 -29.82 -17.06 0.17
CA GLN B 209 -29.77 -17.26 1.64
C GLN B 209 -28.74 -18.33 1.75
N GLY B 210 -27.61 -18.02 2.35
CA GLY B 210 -26.50 -18.96 2.25
C GLY B 210 -26.14 -19.83 3.43
N GLU B 211 -26.96 -19.89 4.49
CA GLU B 211 -26.69 -21.01 5.44
C GLU B 211 -25.48 -20.66 6.35
N SER B 212 -25.27 -21.49 7.36
CA SER B 212 -24.29 -21.21 8.42
C SER B 212 -22.97 -21.94 8.18
N ILE B 213 -21.83 -21.26 8.39
CA ILE B 213 -20.50 -21.90 8.44
C ILE B 213 -20.31 -22.87 9.62
N TRP B 214 -21.17 -22.80 10.63
CA TRP B 214 -21.07 -23.67 11.78
C TRP B 214 -21.92 -24.94 11.55
N LEU B 215 -23.08 -24.81 10.92
CA LEU B 215 -23.97 -25.94 10.86
C LEU B 215 -24.03 -26.58 9.50
N ASP B 216 -23.65 -25.86 8.45
CA ASP B 216 -23.99 -26.17 7.04
C ASP B 216 -22.77 -25.96 6.15
N LEU B 217 -21.56 -26.07 6.68
CA LEU B 217 -20.38 -25.70 5.91
C LEU B 217 -20.26 -26.60 4.67
N GLU B 218 -20.57 -27.88 4.79
CA GLU B 218 -20.51 -28.77 3.56
C GLU B 218 -21.56 -28.39 2.52
N LEU B 219 -22.74 -28.01 3.00
CA LEU B 219 -23.74 -27.51 2.01
C LEU B 219 -23.22 -26.26 1.31
N ILE B 220 -22.59 -25.32 2.06
CA ILE B 220 -22.10 -24.13 1.42
C ILE B 220 -21.04 -24.43 0.38
N GLU B 221 -20.09 -25.33 0.69
CA GLU B 221 -19.04 -25.72 -0.27
C GLU B 221 -19.70 -26.29 -1.56
N LYS B 222 -20.64 -27.19 -1.36
CA LYS B 222 -21.37 -27.83 -2.50
C LYS B 222 -22.12 -26.83 -3.37
N MET B 223 -22.84 -25.89 -2.74
CA MET B 223 -23.55 -24.84 -3.49
C MET B 223 -22.68 -23.94 -4.25
N SER B 224 -21.60 -23.49 -3.62
CA SER B 224 -20.70 -22.57 -4.27
C SER B 224 -20.08 -23.23 -5.54
N ARG B 225 -19.68 -24.52 -5.36
CA ARG B 225 -19.06 -25.25 -6.46
C ARG B 225 -20.07 -25.38 -7.59
N PHE B 226 -21.26 -25.80 -7.27
CA PHE B 226 -22.21 -25.99 -8.36
C PHE B 226 -22.86 -24.76 -8.98
N ILE B 227 -22.99 -23.67 -8.23
CA ILE B 227 -23.31 -22.38 -8.90
C ILE B 227 -22.24 -21.94 -9.91
N ARG B 228 -20.97 -22.19 -9.60
CA ARG B 228 -19.92 -21.85 -10.53
C ARG B 228 -20.01 -22.72 -11.78
N GLU B 229 -20.31 -24.00 -11.55
CA GLU B 229 -20.40 -24.96 -12.64
C GLU B 229 -21.60 -24.79 -13.54
N THR B 230 -22.75 -24.48 -12.94
CA THR B 230 -23.98 -24.01 -13.61
C THR B 230 -23.62 -22.97 -14.68
N GLY B 231 -22.59 -22.17 -14.44
CA GLY B 231 -22.15 -21.09 -15.35
C GLY B 231 -21.91 -19.68 -14.77
N PHE B 232 -22.10 -19.45 -13.45
CA PHE B 232 -21.69 -18.16 -12.90
C PHE B 232 -20.18 -18.05 -12.91
N ALA B 233 -19.66 -16.89 -13.23
CA ALA B 233 -18.20 -16.72 -13.36
C ALA B 233 -17.52 -16.62 -11.98
N SER B 234 -18.24 -16.10 -10.97
CA SER B 234 -17.63 -16.04 -9.60
C SER B 234 -18.71 -16.17 -8.50
N VAL B 235 -18.31 -16.64 -7.29
CA VAL B 235 -19.31 -16.90 -6.19
C VAL B 235 -18.45 -16.65 -4.93
N GLN B 236 -18.87 -15.69 -4.06
CA GLN B 236 -18.14 -15.32 -2.80
C GLN B 236 -19.16 -15.31 -1.68
N TYR B 237 -18.84 -15.96 -0.54
CA TYR B 237 -19.80 -16.03 0.55
C TYR B 237 -19.54 -14.85 1.49
N ALA B 238 -20.62 -14.11 1.84
CA ALA B 238 -20.59 -12.99 2.75
C ALA B 238 -21.23 -13.42 4.10
N LEU B 239 -20.43 -13.34 5.16
CA LEU B 239 -20.82 -13.70 6.52
C LEU B 239 -21.41 -12.50 7.27
N MET B 240 -22.44 -12.73 8.08
CA MET B 240 -23.00 -11.62 8.84
C MET B 240 -23.50 -12.13 10.20
N HIS B 241 -23.67 -11.19 11.11
CA HIS B 241 -23.98 -11.48 12.51
C HIS B 241 -25.49 -11.35 12.73
N VAL B 242 -26.17 -12.46 12.98
CA VAL B 242 -27.60 -12.42 13.23
C VAL B 242 -27.88 -13.21 14.49
N PRO B 243 -28.17 -12.49 15.58
CA PRO B 243 -28.22 -13.23 16.85
C PRO B 243 -29.37 -14.23 16.97
N THR B 244 -30.47 -14.04 16.27
CA THR B 244 -31.59 -14.97 16.43
C THR B 244 -31.55 -16.14 15.45
N TYR B 245 -30.46 -16.23 14.68
CA TYR B 245 -30.35 -17.33 13.74
C TYR B 245 -29.48 -18.34 14.43
N PRO B 246 -29.65 -19.62 14.12
CA PRO B 246 -28.89 -20.68 14.76
C PRO B 246 -27.37 -20.47 14.75
N CYS B 247 -26.75 -20.54 15.93
CA CYS B 247 -25.32 -20.31 16.16
C CYS B 247 -24.88 -18.86 15.88
N GLY B 248 -25.83 -17.98 15.64
CA GLY B 248 -25.58 -16.51 15.66
C GLY B 248 -25.06 -15.87 14.40
N SER B 249 -25.07 -16.62 13.31
CA SER B 249 -24.62 -16.08 12.01
C SER B 249 -25.29 -16.79 10.82
N ILE B 250 -25.19 -16.16 9.66
CA ILE B 250 -25.68 -16.73 8.43
C ILE B 250 -24.87 -16.03 7.32
N GLY B 251 -24.95 -16.51 6.08
CA GLY B 251 -24.18 -15.82 5.05
C GLY B 251 -25.00 -15.80 3.81
N THR B 252 -24.44 -15.21 2.77
CA THR B 252 -25.17 -15.17 1.49
C THR B 252 -24.12 -15.43 0.42
N LEU B 253 -24.42 -16.28 -0.57
CA LEU B 253 -23.50 -16.41 -1.68
C LEU B 253 -23.78 -15.33 -2.70
N VAL B 254 -22.79 -14.51 -3.01
CA VAL B 254 -22.94 -13.41 -3.95
C VAL B 254 -22.25 -13.80 -5.22
N CYS B 255 -23.05 -13.87 -6.30
CA CYS B 255 -22.65 -14.58 -7.53
C CYS B 255 -22.70 -13.61 -8.72
N SER B 256 -21.63 -13.59 -9.53
CA SER B 256 -21.59 -12.66 -10.67
C SER B 256 -21.74 -13.52 -11.97
N LYS B 257 -22.63 -13.10 -12.89
CA LYS B 257 -22.78 -13.78 -14.17
C LYS B 257 -21.51 -13.52 -14.98
N LYS B 258 -21.10 -12.28 -15.02
CA LYS B 258 -19.95 -11.76 -15.80
C LYS B 258 -18.60 -12.11 -15.18
N ALA B 259 -17.59 -12.34 -16.00
CA ALA B 259 -16.28 -12.72 -15.44
C ALA B 259 -15.53 -11.44 -15.12
N GLY B 260 -14.53 -11.52 -14.22
CA GLY B 260 -13.68 -10.38 -13.87
C GLY B 260 -14.34 -9.39 -12.93
N VAL B 261 -15.36 -9.82 -12.20
CA VAL B 261 -16.04 -8.92 -11.24
C VAL B 261 -15.60 -9.34 -9.84
N ASP B 262 -15.14 -8.38 -9.04
CA ASP B 262 -14.80 -8.63 -7.65
C ASP B 262 -15.86 -8.09 -6.71
N VAL B 263 -16.79 -8.96 -6.34
CA VAL B 263 -17.94 -8.50 -5.52
C VAL B 263 -17.52 -8.14 -4.11
N THR B 264 -16.27 -8.49 -3.72
CA THR B 264 -15.89 -8.38 -2.31
C THR B 264 -15.46 -6.94 -2.03
N LYS B 265 -15.28 -6.11 -3.06
CA LYS B 265 -15.13 -4.67 -2.89
C LYS B 265 -16.28 -3.95 -3.59
N PRO B 266 -16.98 -3.04 -2.89
CA PRO B 266 -18.17 -2.42 -3.46
C PRO B 266 -17.82 -1.71 -4.77
N LEU B 267 -18.59 -2.02 -5.78
CA LEU B 267 -18.51 -1.33 -7.10
C LEU B 267 -19.11 0.09 -6.99
N ARG B 268 -20.26 0.22 -6.31
CA ARG B 268 -20.89 1.50 -6.08
C ARG B 268 -21.08 1.68 -4.55
N PRO B 269 -20.08 2.29 -3.89
CA PRO B 269 -20.05 2.49 -2.40
C PRO B 269 -21.32 3.16 -1.93
N VAL B 270 -22.03 2.58 -0.96
CA VAL B 270 -23.27 3.14 -0.43
C VAL B 270 -23.01 4.56 0.14
N GLU B 271 -21.79 4.82 0.57
CA GLU B 271 -21.42 6.14 1.16
C GLU B 271 -21.70 7.29 0.18
N ASP B 272 -21.72 6.98 -1.12
CA ASP B 272 -22.06 8.01 -2.14
C ASP B 272 -23.55 8.13 -2.44
N MET B 273 -24.42 7.44 -1.71
CA MET B 273 -25.84 7.43 -2.02
C MET B 273 -26.44 8.15 -0.85
N PRO B 274 -27.65 8.74 -1.02
CA PRO B 274 -28.24 9.62 0.01
C PRO B 274 -28.68 8.92 1.28
N PHE B 275 -28.99 7.62 1.20
CA PHE B 275 -29.48 6.87 2.35
C PHE B 275 -28.43 6.13 3.23
N ALA B 276 -27.13 6.32 3.00
CA ALA B 276 -26.10 5.55 3.73
C ALA B 276 -26.33 5.64 5.23
N LYS B 277 -26.63 6.84 5.72
CA LYS B 277 -26.81 7.08 7.16
C LYS B 277 -28.05 6.50 7.79
N ASP B 278 -29.08 6.13 6.99
CA ASP B 278 -30.23 5.43 7.51
C ASP B 278 -30.00 3.96 7.81
N LEU B 279 -28.88 3.39 7.36
CA LEU B 279 -28.66 1.95 7.56
C LEU B 279 -28.14 1.72 8.97
N LYS B 280 -28.54 0.58 9.52
CA LYS B 280 -28.17 0.22 10.87
C LYS B 280 -27.05 -0.81 10.95
N TYR B 281 -26.75 -1.49 9.86
CA TYR B 281 -25.67 -2.50 9.86
C TYR B 281 -24.63 -2.23 8.77
N TYR B 282 -25.12 -2.23 7.52
CA TYR B 282 -24.27 -2.25 6.36
C TYR B 282 -23.59 -0.92 6.11
N ASP B 283 -22.32 -1.01 5.74
CA ASP B 283 -21.60 0.07 5.08
C ASP B 283 -20.46 -0.53 4.26
N SER B 284 -19.62 0.28 3.59
CA SER B 284 -18.54 -0.35 2.74
C SER B 284 -17.50 -1.14 3.54
N GLU B 285 -17.16 -0.64 4.73
CA GLU B 285 -16.26 -1.48 5.64
C GLU B 285 -16.91 -2.80 6.03
N MET B 286 -18.19 -2.80 6.40
CA MET B 286 -18.82 -4.09 6.68
C MET B 286 -18.91 -4.99 5.45
N HIS B 287 -19.15 -4.38 4.27
CA HIS B 287 -19.24 -5.15 3.04
C HIS B 287 -17.90 -5.89 2.81
N LYS B 288 -16.79 -5.14 2.81
CA LYS B 288 -15.48 -5.78 2.71
C LYS B 288 -15.23 -6.87 3.78
N ALA B 289 -15.51 -6.52 5.02
CA ALA B 289 -15.21 -7.40 6.18
C ALA B 289 -16.03 -8.69 6.04
N SER B 290 -17.21 -8.63 5.41
CA SER B 290 -18.09 -9.80 5.48
C SER B 290 -17.51 -10.96 4.64
N PHE B 291 -16.63 -10.65 3.70
CA PHE B 291 -16.02 -11.76 2.85
C PHE B 291 -14.76 -12.35 3.49
N ALA B 292 -14.31 -11.82 4.63
CA ALA B 292 -13.18 -12.45 5.39
C ALA B 292 -13.81 -13.56 6.24
N LEU B 293 -13.41 -14.81 5.99
CA LEU B 293 -13.98 -15.93 6.75
C LEU B 293 -12.93 -16.53 7.72
N PRO B 294 -13.40 -17.08 8.83
CA PRO B 294 -12.55 -17.85 9.72
C PRO B 294 -11.76 -18.82 8.93
N ARG B 295 -10.53 -19.07 9.34
CA ARG B 295 -9.68 -20.00 8.56
C ARG B 295 -10.31 -21.34 8.22
N PHE B 296 -11.10 -21.94 9.12
CA PHE B 296 -11.64 -23.28 8.84
C PHE B 296 -12.63 -23.22 7.67
N ALA B 297 -13.18 -22.03 7.44
CA ALA B 297 -14.16 -21.86 6.34
C ALA B 297 -13.60 -21.10 5.12
N ARG B 298 -12.37 -20.60 5.19
CA ARG B 298 -11.85 -19.67 4.15
C ARG B 298 -11.81 -20.29 2.72
N HIS B 299 -11.68 -21.62 2.62
CA HIS B 299 -11.63 -22.32 1.32
C HIS B 299 -12.89 -22.09 0.51
N ILE B 300 -14.01 -21.68 1.17
CA ILE B 300 -15.23 -21.31 0.39
C ILE B 300 -14.87 -20.20 -0.59
N ASN B 301 -14.13 -19.21 -0.10
CA ASN B 301 -13.87 -17.99 -0.86
C ASN B 301 -12.50 -17.93 -1.55
N ASN B 302 -11.54 -18.68 -1.00
CA ASN B 302 -10.08 -18.68 -1.34
C ASN B 302 -9.11 -17.51 -0.98
N SER C 16 2.45 22.66 -31.75
CA SER C 16 0.95 22.55 -31.88
C SER C 16 0.17 22.68 -30.55
N GLY C 17 -1.00 23.31 -30.61
CA GLY C 17 -1.82 23.56 -29.40
C GLY C 17 -1.04 24.32 -28.34
N GLY C 18 -0.01 25.05 -28.79
CA GLY C 18 0.92 25.76 -27.95
C GLY C 18 2.10 24.93 -27.40
N TRP C 19 2.36 23.71 -27.89
CA TRP C 19 3.42 22.80 -27.27
C TRP C 19 4.41 22.22 -28.28
N PHE C 20 5.68 22.14 -27.91
CA PHE C 20 6.64 21.44 -28.76
C PHE C 20 6.89 20.04 -28.19
N ARG C 21 6.69 18.99 -28.98
CA ARG C 21 6.82 17.63 -28.45
C ARG C 21 7.92 16.79 -29.07
N GLU C 22 8.64 16.08 -28.24
CA GLU C 22 9.69 15.24 -28.75
C GLU C 22 9.55 13.79 -28.28
N GLU C 23 9.66 12.88 -29.25
CA GLU C 23 9.67 11.45 -28.98
C GLU C 23 10.34 10.75 -30.14
N ASN C 24 11.05 9.66 -29.89
CA ASN C 24 11.73 8.91 -30.98
C ASN C 24 11.26 7.48 -31.11
N ASP C 25 11.28 6.91 -32.32
CA ASP C 25 11.39 5.43 -32.45
C ASP C 25 12.80 5.06 -31.98
N GLN C 26 12.84 4.37 -30.85
CA GLN C 26 13.94 4.46 -29.91
C GLN C 26 13.34 3.64 -28.78
N TRP C 27 12.58 4.30 -27.91
CA TRP C 27 11.52 3.68 -27.12
C TRP C 27 10.20 4.28 -27.64
N PRO C 28 9.26 3.43 -28.09
CA PRO C 28 7.99 4.08 -28.29
C PRO C 28 7.29 4.32 -26.92
N GLY C 29 6.30 5.21 -26.90
CA GLY C 29 5.43 5.33 -25.75
C GLY C 29 5.91 6.36 -24.71
N GLN C 30 6.87 7.23 -25.05
CA GLN C 30 7.42 8.23 -24.14
C GLN C 30 7.63 9.53 -24.90
N ALA C 31 7.24 10.69 -24.31
CA ALA C 31 7.46 11.99 -24.95
C ALA C 31 7.77 13.00 -23.85
N MET C 32 8.41 14.11 -24.21
CA MET C 32 8.52 15.27 -23.31
C MET C 32 8.21 16.49 -24.14
N SER C 33 7.71 17.53 -23.48
CA SER C 33 7.17 18.68 -24.18
C SER C 33 7.46 19.98 -23.49
N LEU C 34 7.53 21.02 -24.32
CA LEU C 34 7.68 22.38 -23.83
C LEU C 34 6.64 23.27 -24.50
N ARG C 35 6.03 24.12 -23.70
CA ARG C 35 5.03 25.07 -24.22
C ARG C 35 5.74 26.15 -25.09
N VAL C 36 5.14 26.48 -26.26
CA VAL C 36 5.72 27.38 -27.26
C VAL C 36 5.11 28.80 -27.19
N GLU C 37 5.73 29.74 -26.49
CA GLU C 37 5.18 31.10 -26.37
C GLU C 37 5.16 31.83 -27.73
N LYS C 38 6.12 31.56 -28.59
CA LYS C 38 6.25 32.25 -29.89
C LYS C 38 7.22 31.46 -30.76
N VAL C 39 6.84 31.23 -32.03
CA VAL C 39 7.68 30.56 -33.00
C VAL C 39 8.60 31.59 -33.60
N LEU C 40 9.91 31.31 -33.61
CA LEU C 40 10.91 32.28 -34.15
C LEU C 40 11.44 31.90 -35.49
N TYR C 41 11.43 30.59 -35.77
CA TYR C 41 11.98 29.98 -36.96
C TYR C 41 11.51 28.52 -36.96
N ASP C 42 11.08 28.03 -38.09
CA ASP C 42 10.59 26.66 -38.18
C ASP C 42 10.48 26.26 -39.64
N ALA C 43 11.52 25.63 -40.18
CA ALA C 43 11.74 25.48 -41.63
C ALA C 43 12.77 24.43 -41.92
N PRO C 44 12.69 23.74 -43.09
CA PRO C 44 13.86 22.95 -43.34
C PRO C 44 14.97 23.79 -43.91
N THR C 45 16.18 23.28 -43.70
CA THR C 45 17.38 23.85 -44.12
C THR C 45 17.73 22.90 -45.26
N LYS C 46 18.85 23.12 -45.94
CA LYS C 46 19.31 22.20 -46.94
C LYS C 46 19.71 20.84 -46.36
N PHE C 47 19.89 20.76 -45.02
CA PHE C 47 20.43 19.56 -44.39
C PHE C 47 19.51 19.01 -43.31
N GLN C 48 18.73 19.86 -42.65
CA GLN C 48 17.94 19.35 -41.53
C GLN C 48 16.79 20.27 -41.18
N HIS C 49 15.85 19.78 -40.39
CA HIS C 49 14.81 20.66 -39.93
C HIS C 49 15.31 21.51 -38.76
N LEU C 50 15.07 22.82 -38.86
CA LEU C 50 15.49 23.77 -37.83
C LEU C 50 14.29 24.42 -37.13
N THR C 51 14.20 24.26 -35.82
CA THR C 51 13.11 24.92 -35.13
C THR C 51 13.65 25.76 -34.03
N ILE C 52 13.16 27.00 -33.96
CA ILE C 52 13.55 27.84 -32.87
C ILE C 52 12.33 28.53 -32.32
N PHE C 53 12.18 28.49 -30.99
CA PHE C 53 11.02 29.12 -30.34
C PHE C 53 11.34 29.70 -28.98
N GLU C 54 10.50 30.66 -28.57
CA GLU C 54 10.57 31.23 -27.27
C GLU C 54 9.65 30.37 -26.40
N SER C 55 10.17 29.83 -25.32
CA SER C 55 9.34 28.89 -24.55
C SER C 55 8.56 29.70 -23.54
N ASP C 56 7.83 29.03 -22.65
CA ASP C 56 6.92 29.72 -21.75
C ASP C 56 7.66 30.70 -20.80
N PRO C 57 7.33 32.00 -20.87
CA PRO C 57 8.10 32.94 -20.06
C PRO C 57 8.04 32.71 -18.55
N LYS C 58 7.05 31.94 -18.05
CA LYS C 58 6.92 31.59 -16.63
C LYS C 58 7.85 30.45 -16.26
N GLY C 59 8.32 29.73 -17.29
CA GLY C 59 9.33 28.68 -17.10
C GLY C 59 10.74 29.20 -17.34
N PRO C 60 11.75 28.36 -17.09
CA PRO C 60 13.15 28.85 -17.07
C PRO C 60 13.93 28.69 -18.39
N TRP C 61 13.35 28.03 -19.38
CA TRP C 61 14.14 27.52 -20.52
C TRP C 61 14.58 28.57 -21.52
N GLY C 62 13.81 29.65 -21.62
CA GLY C 62 14.12 30.68 -22.58
C GLY C 62 13.96 30.27 -24.01
N THR C 63 14.89 30.73 -24.85
CA THR C 63 14.86 30.38 -26.26
C THR C 63 15.33 28.95 -26.44
N VAL C 64 14.66 28.25 -27.31
CA VAL C 64 14.93 26.85 -27.55
C VAL C 64 15.17 26.57 -29.03
N MET C 65 16.21 25.78 -29.33
CA MET C 65 16.48 25.31 -30.66
C MET C 65 16.46 23.79 -30.78
N ALA C 66 15.83 23.31 -31.84
CA ALA C 66 15.73 21.91 -32.14
C ALA C 66 16.15 21.60 -33.52
N LEU C 67 16.81 20.46 -33.70
CA LEU C 67 17.23 20.05 -35.03
C LEU C 67 16.62 18.69 -35.26
N ASP C 68 15.93 18.53 -36.39
CA ASP C 68 15.25 17.27 -36.72
C ASP C 68 14.37 16.79 -35.58
N GLY C 69 13.79 17.74 -34.85
CA GLY C 69 12.83 17.46 -33.78
C GLY C 69 13.42 17.15 -32.44
N CYS C 70 14.74 17.33 -32.29
CA CYS C 70 15.42 16.99 -31.02
C CYS C 70 16.01 18.28 -30.48
N ILE C 71 15.59 18.68 -29.28
CA ILE C 71 16.14 19.89 -28.66
C ILE C 71 17.68 19.80 -28.62
N GLN C 72 18.36 20.80 -29.19
CA GLN C 72 19.84 20.85 -29.18
C GLN C 72 20.39 21.86 -28.18
N VAL C 73 19.65 22.95 -27.93
CA VAL C 73 20.13 24.10 -27.21
C VAL C 73 18.94 24.80 -26.56
N THR C 74 19.03 25.12 -25.27
CA THR C 74 18.07 26.05 -24.63
C THR C 74 18.95 27.04 -23.90
N ASP C 75 18.44 28.26 -23.68
CA ASP C 75 19.22 29.27 -22.92
C ASP C 75 19.64 28.79 -21.57
N TYR C 76 18.75 28.04 -20.91
CA TYR C 76 18.85 27.75 -19.50
C TYR C 76 19.91 26.72 -19.22
N ASP C 77 20.05 25.73 -20.10
CA ASP C 77 21.02 24.63 -19.84
C ASP C 77 22.12 24.43 -20.90
N GLU C 78 22.28 25.32 -21.88
CA GLU C 78 23.25 25.03 -22.96
C GLU C 78 24.67 24.99 -22.41
N PHE C 79 24.92 25.71 -21.32
CA PHE C 79 26.26 25.75 -20.74
C PHE C 79 26.74 24.37 -20.36
N VAL C 80 25.82 23.41 -20.09
CA VAL C 80 26.32 22.09 -19.57
C VAL C 80 27.15 21.37 -20.65
N TYR C 81 26.52 21.06 -21.78
CA TYR C 81 27.20 20.24 -22.79
C TYR C 81 28.36 21.07 -23.40
N HIS C 82 28.15 22.37 -23.57
CA HIS C 82 29.25 23.23 -24.10
C HIS C 82 30.48 23.27 -23.19
N GLU C 83 30.29 23.45 -21.89
CA GLU C 83 31.44 23.42 -20.98
C GLU C 83 32.02 22.04 -20.85
N VAL C 84 31.18 21.01 -20.78
CA VAL C 84 31.77 19.67 -20.63
C VAL C 84 32.64 19.32 -21.86
N LEU C 85 32.15 19.63 -23.05
CA LEU C 85 32.88 19.17 -24.24
C LEU C 85 34.14 20.05 -24.31
N GLY C 86 33.96 21.35 -24.16
CA GLY C 86 35.15 22.25 -24.28
C GLY C 86 36.24 22.03 -23.26
N HIS C 87 35.88 21.88 -21.98
CA HIS C 87 36.89 21.90 -20.94
C HIS C 87 37.39 20.52 -20.60
N THR C 88 36.50 19.49 -20.64
CA THR C 88 36.95 18.12 -20.36
C THR C 88 38.09 17.79 -21.38
N SER C 89 37.92 18.18 -22.63
CA SER C 89 38.95 17.86 -23.66
C SER C 89 40.20 18.73 -23.46
N LEU C 90 40.04 20.05 -23.41
CA LEU C 90 41.25 20.93 -23.33
C LEU C 90 41.99 20.83 -21.99
N CYS C 91 41.30 20.56 -20.87
CA CYS C 91 41.98 20.34 -19.61
C CYS C 91 42.63 18.98 -19.55
N SER C 92 42.36 18.14 -20.56
CA SER C 92 43.09 16.83 -20.61
C SER C 92 44.29 16.86 -21.57
N HIS C 93 44.59 18.03 -22.08
CA HIS C 93 45.74 18.20 -22.98
C HIS C 93 46.86 19.10 -22.33
N PRO C 94 48.16 18.78 -22.58
CA PRO C 94 49.22 19.55 -21.90
C PRO C 94 49.38 20.96 -22.37
N LYS C 95 48.96 21.28 -23.60
CA LYS C 95 49.11 22.62 -24.15
C LYS C 95 48.33 22.74 -25.45
N PRO C 96 47.00 22.97 -25.33
CA PRO C 96 46.25 22.83 -26.58
C PRO C 96 46.27 24.17 -27.32
N GLU C 97 46.96 24.21 -28.48
CA GLU C 97 47.17 25.49 -29.17
C GLU C 97 46.34 25.56 -30.42
N ARG C 98 46.09 24.42 -31.05
CA ARG C 98 45.31 24.37 -32.29
C ARG C 98 44.17 23.38 -32.15
N VAL C 99 42.91 23.83 -32.44
CA VAL C 99 41.71 23.02 -32.10
C VAL C 99 40.79 22.99 -33.31
N LEU C 100 40.17 21.83 -33.59
CA LEU C 100 39.21 21.73 -34.66
C LEU C 100 37.84 21.38 -34.03
N ILE C 101 36.78 22.09 -34.39
CA ILE C 101 35.42 21.69 -33.99
C ILE C 101 34.72 21.29 -35.26
N ILE C 102 34.20 20.06 -35.30
CA ILE C 102 33.40 19.62 -36.42
C ILE C 102 31.98 19.72 -35.89
N GLY C 103 31.12 20.38 -36.64
CA GLY C 103 29.75 20.64 -36.16
C GLY C 103 29.85 21.96 -35.37
N GLY C 104 29.07 22.12 -34.30
CA GLY C 104 29.29 23.27 -33.41
C GLY C 104 28.84 24.66 -33.95
N GLY C 105 27.95 24.68 -34.94
CA GLY C 105 27.58 25.89 -35.69
C GLY C 105 26.85 26.91 -34.82
N ASP C 106 26.24 26.46 -33.73
CA ASP C 106 25.68 27.40 -32.76
C ASP C 106 26.72 28.28 -32.04
N GLY C 107 28.01 27.85 -32.03
CA GLY C 107 29.06 28.62 -31.35
C GLY C 107 29.45 28.24 -29.92
N GLY C 108 28.69 27.35 -29.28
CA GLY C 108 28.83 27.18 -27.83
C GLY C 108 30.14 26.51 -27.40
N VAL C 109 30.50 25.41 -28.04
CA VAL C 109 31.76 24.77 -27.74
C VAL C 109 32.91 25.73 -28.03
N LEU C 110 32.82 26.39 -29.17
CA LEU C 110 33.87 27.42 -29.52
C LEU C 110 34.07 28.49 -28.45
N ARG C 111 32.95 29.09 -27.96
CA ARG C 111 33.01 30.03 -26.82
C ARG C 111 33.88 29.43 -25.70
N GLU C 112 33.63 28.17 -25.36
CA GLU C 112 34.32 27.57 -24.21
C GLU C 112 35.83 27.35 -24.55
N VAL C 113 36.10 26.83 -25.74
CA VAL C 113 37.51 26.56 -26.22
C VAL C 113 38.26 27.90 -26.15
N LEU C 114 37.61 28.98 -26.57
CA LEU C 114 38.31 30.29 -26.66
C LEU C 114 38.54 30.91 -25.30
N ARG C 115 37.88 30.37 -24.26
CA ARG C 115 38.29 30.79 -22.92
C ARG C 115 39.75 30.47 -22.65
N HIS C 116 40.26 29.42 -23.25
CA HIS C 116 41.61 28.97 -22.93
C HIS C 116 42.68 29.85 -23.60
N GLY C 117 43.67 30.31 -22.82
CA GLY C 117 44.62 31.31 -23.34
C GLY C 117 45.67 30.56 -24.14
N THR C 118 45.79 29.24 -23.96
CA THR C 118 46.74 28.46 -24.73
C THR C 118 46.32 28.35 -26.19
N VAL C 119 45.02 28.53 -26.49
CA VAL C 119 44.54 28.41 -27.87
C VAL C 119 44.99 29.55 -28.79
N GLU C 120 45.73 29.20 -29.83
CA GLU C 120 46.23 30.15 -30.82
C GLU C 120 45.19 30.25 -31.93
N HIS C 121 44.54 29.12 -32.24
CA HIS C 121 43.67 29.11 -33.41
C HIS C 121 42.65 27.95 -33.28
N CYS C 122 41.42 28.26 -33.66
CA CYS C 122 40.40 27.18 -33.71
C CYS C 122 39.73 27.22 -35.08
N ASP C 123 39.76 26.11 -35.83
CA ASP C 123 38.86 25.98 -37.01
C ASP C 123 37.54 25.34 -36.60
N LEU C 124 36.44 25.86 -37.13
CA LEU C 124 35.12 25.28 -36.89
C LEU C 124 34.54 25.00 -38.25
N VAL C 125 34.05 23.79 -38.49
CA VAL C 125 33.55 23.41 -39.82
C VAL C 125 32.17 22.81 -39.55
N ASP C 126 31.14 23.57 -39.92
CA ASP C 126 29.75 23.12 -39.80
C ASP C 126 29.12 23.09 -41.20
N ILE C 127 28.42 22.00 -41.48
CA ILE C 127 27.88 21.77 -42.81
C ILE C 127 26.68 22.66 -43.08
N ASP C 128 26.05 23.20 -42.04
CA ASP C 128 24.76 23.91 -42.21
C ASP C 128 24.88 25.38 -41.86
N GLY C 129 25.08 26.22 -42.87
CA GLY C 129 25.27 27.66 -42.65
C GLY C 129 24.08 28.32 -42.04
N GLU C 130 22.90 27.78 -42.26
CA GLU C 130 21.70 28.32 -41.67
C GLU C 130 21.66 28.14 -40.15
N VAL C 131 22.24 27.05 -39.66
CA VAL C 131 22.34 26.91 -38.19
C VAL C 131 23.15 28.09 -37.56
N MET C 132 24.28 28.42 -38.19
CA MET C 132 25.06 29.58 -37.76
C MET C 132 24.28 30.88 -37.83
N GLU C 133 23.61 31.08 -38.94
CA GLU C 133 22.86 32.32 -39.13
C GLU C 133 21.84 32.48 -38.03
N GLN C 134 21.06 31.43 -37.81
CA GLN C 134 19.98 31.49 -36.83
C GLN C 134 20.50 31.55 -35.37
N SER C 135 21.61 30.87 -35.07
CA SER C 135 22.28 31.07 -33.79
C SER C 135 22.73 32.53 -33.61
N LYS C 136 23.28 33.18 -34.63
CA LYS C 136 23.65 34.60 -34.48
C LYS C 136 22.44 35.54 -34.22
N GLN C 137 21.32 35.25 -34.89
CA GLN C 137 20.04 35.96 -34.68
C GLN C 137 19.42 35.71 -33.33
N HIS C 138 19.38 34.45 -32.88
CA HIS C 138 18.54 34.13 -31.70
C HIS C 138 19.25 33.67 -30.46
N PHE C 139 20.54 33.33 -30.59
CA PHE C 139 21.38 32.95 -29.45
C PHE C 139 22.67 33.77 -29.40
N PRO C 140 22.54 35.11 -29.29
CA PRO C 140 23.79 35.91 -29.35
C PRO C 140 24.84 35.56 -28.28
N GLN C 141 24.41 35.08 -27.10
CA GLN C 141 25.39 34.73 -26.04
C GLN C 141 26.12 33.41 -26.33
N ILE C 142 25.55 32.60 -27.22
CA ILE C 142 26.19 31.37 -27.67
C ILE C 142 27.02 31.64 -28.96
N SER C 143 26.49 32.45 -29.89
CA SER C 143 27.08 32.61 -31.24
C SER C 143 28.11 33.74 -31.40
N ARG C 144 28.30 34.50 -30.33
CA ARG C 144 29.26 35.64 -30.28
C ARG C 144 30.67 35.18 -30.65
N SER C 145 31.00 33.96 -30.21
CA SER C 145 32.30 33.36 -30.48
C SER C 145 32.67 33.22 -31.96
N LEU C 146 31.67 33.13 -32.85
CA LEU C 146 31.92 32.77 -34.26
C LEU C 146 32.70 33.90 -34.92
N ALA C 147 32.56 35.11 -34.40
CA ALA C 147 33.31 36.29 -34.97
C ALA C 147 34.74 36.53 -34.44
N ASP C 148 35.17 35.66 -33.53
CA ASP C 148 36.48 35.86 -32.86
C ASP C 148 37.66 35.72 -33.83
N PRO C 149 38.62 36.67 -33.78
CA PRO C 149 39.79 36.61 -34.67
C PRO C 149 40.58 35.34 -34.51
N ARG C 150 40.48 34.70 -33.36
CA ARG C 150 41.18 33.40 -33.21
C ARG C 150 40.46 32.22 -33.86
N ALA C 151 39.22 32.43 -34.36
CA ALA C 151 38.46 31.37 -35.04
C ALA C 151 38.40 31.53 -36.57
N THR C 152 38.48 30.43 -37.31
CA THR C 152 38.06 30.43 -38.73
C THR C 152 36.83 29.55 -38.84
N VAL C 153 35.70 30.13 -39.21
CA VAL C 153 34.44 29.39 -39.29
C VAL C 153 34.23 29.04 -40.75
N ARG C 154 34.14 27.75 -41.07
CA ARG C 154 33.83 27.34 -42.47
C ARG C 154 32.46 26.62 -42.56
N VAL C 155 31.77 26.78 -43.69
CA VAL C 155 30.49 26.09 -43.92
C VAL C 155 30.93 25.00 -44.86
N GLY C 156 30.84 23.77 -44.37
CA GLY C 156 31.37 22.66 -45.13
C GLY C 156 31.24 21.34 -44.41
N ASP C 157 31.51 20.27 -45.17
CA ASP C 157 31.45 18.90 -44.65
C ASP C 157 32.74 18.59 -43.85
N GLY C 158 32.57 18.28 -42.56
CA GLY C 158 33.68 17.82 -41.73
C GLY C 158 34.46 16.61 -42.24
N LEU C 159 33.73 15.63 -42.83
CA LEU C 159 34.32 14.47 -43.50
C LEU C 159 35.32 14.87 -44.57
N ALA C 160 34.93 15.74 -45.51
CA ALA C 160 35.85 16.16 -46.54
C ALA C 160 36.97 17.03 -45.95
N PHE C 161 36.61 17.88 -44.97
CA PHE C 161 37.61 18.71 -44.35
C PHE C 161 38.75 17.87 -43.76
N VAL C 162 38.46 16.93 -42.87
CA VAL C 162 39.55 16.16 -42.30
C VAL C 162 40.35 15.29 -43.33
N ARG C 163 39.69 14.85 -44.39
CA ARG C 163 40.36 14.08 -45.48
C ARG C 163 41.46 14.90 -46.10
N GLN C 164 41.23 16.20 -46.21
CA GLN C 164 42.20 17.11 -46.83
C GLN C 164 43.07 17.88 -45.87
N THR C 165 43.08 17.46 -44.61
CA THR C 165 43.90 18.08 -43.58
C THR C 165 45.16 17.26 -43.38
N PRO C 166 46.35 17.93 -43.31
CA PRO C 166 47.58 17.16 -43.09
C PRO C 166 47.63 16.40 -41.75
N ASP C 167 48.55 15.41 -41.66
CA ASP C 167 48.82 14.71 -40.42
C ASP C 167 49.31 15.68 -39.42
N ASN C 168 49.05 15.39 -38.14
CA ASN C 168 49.71 16.13 -37.10
C ASN C 168 49.41 17.61 -37.15
N THR C 169 48.14 17.94 -37.33
CA THR C 169 47.73 19.35 -37.44
C THR C 169 47.16 19.94 -36.15
N TYR C 170 46.38 19.13 -35.41
CA TYR C 170 45.58 19.65 -34.27
C TYR C 170 45.93 19.00 -32.97
N ASP C 171 45.80 19.80 -31.91
CA ASP C 171 45.97 19.31 -30.54
C ASP C 171 44.67 18.65 -30.07
N VAL C 172 43.52 19.20 -30.45
CA VAL C 172 42.24 18.66 -29.96
C VAL C 172 41.30 18.73 -31.11
N VAL C 173 40.49 17.68 -31.28
CA VAL C 173 39.39 17.71 -32.22
C VAL C 173 38.14 17.41 -31.40
N ILE C 174 37.14 18.28 -31.48
CA ILE C 174 35.88 18.06 -30.85
C ILE C 174 34.80 17.84 -31.91
N ILE C 175 34.10 16.71 -31.79
CA ILE C 175 33.08 16.39 -32.81
C ILE C 175 31.73 16.67 -32.16
N ASP C 176 31.18 17.85 -32.46
CA ASP C 176 29.91 18.30 -31.84
C ASP C 176 28.80 18.20 -32.89
N THR C 177 28.39 16.97 -33.15
CA THR C 177 27.43 16.65 -34.19
C THR C 177 26.01 16.41 -33.59
N THR C 178 25.02 16.21 -34.48
CA THR C 178 23.62 16.02 -34.05
C THR C 178 23.42 14.64 -33.44
N ALA C 191 36.91 5.51 -42.30
CA ALA C 191 37.82 6.54 -42.83
C ALA C 191 37.80 7.78 -41.96
N PHE C 192 36.59 8.18 -41.54
CA PHE C 192 36.45 9.43 -40.77
C PHE C 192 37.27 9.41 -39.48
N TYR C 193 37.03 8.42 -38.62
CA TYR C 193 37.80 8.36 -37.38
C TYR C 193 39.29 8.12 -37.58
N LYS C 194 39.66 7.44 -38.66
CA LYS C 194 41.07 7.31 -38.99
C LYS C 194 41.70 8.65 -39.35
N ASP C 195 40.98 9.44 -40.16
CA ASP C 195 41.42 10.82 -40.44
C ASP C 195 41.53 11.64 -39.14
N VAL C 196 40.54 11.55 -38.25
CA VAL C 196 40.66 12.30 -36.97
C VAL C 196 41.92 11.88 -36.18
N LEU C 197 42.13 10.57 -36.07
CA LEU C 197 43.35 10.08 -35.43
C LEU C 197 44.62 10.64 -36.13
N ARG C 198 44.63 10.59 -37.47
CA ARG C 198 45.80 10.97 -38.31
C ARG C 198 46.08 12.44 -38.14
N ILE C 199 45.02 13.26 -38.13
CA ILE C 199 45.21 14.72 -38.03
C ILE C 199 45.57 15.27 -36.64
N LEU C 200 45.42 14.42 -35.61
CA LEU C 200 45.84 14.79 -34.30
C LEU C 200 47.38 14.66 -34.17
N LYS C 201 47.98 15.60 -33.46
CA LYS C 201 49.40 15.50 -33.03
C LYS C 201 49.55 14.35 -32.02
N PRO C 202 50.81 13.97 -31.63
CA PRO C 202 51.01 12.76 -30.77
C PRO C 202 50.23 12.74 -29.47
N ASP C 203 50.14 13.89 -28.85
CA ASP C 203 49.45 14.12 -27.56
C ASP C 203 47.96 14.44 -27.71
N GLY C 204 47.48 14.34 -28.92
CA GLY C 204 46.11 14.70 -29.30
C GLY C 204 44.98 14.14 -28.47
N ILE C 205 43.92 14.95 -28.31
CA ILE C 205 42.69 14.51 -27.64
C ILE C 205 41.53 14.68 -28.62
N CYS C 206 40.67 13.66 -28.74
CA CYS C 206 39.42 13.79 -29.51
C CYS C 206 38.24 13.66 -28.56
N CYS C 207 37.26 14.57 -28.59
CA CYS C 207 36.04 14.19 -27.91
C CYS C 207 34.85 14.33 -28.79
N ASN C 208 33.87 13.47 -28.53
CA ASN C 208 32.72 13.54 -29.36
C ASN C 208 31.40 13.61 -28.59
N GLN C 209 30.31 13.79 -29.32
CA GLN C 209 28.95 13.73 -28.78
C GLN C 209 28.70 12.28 -28.39
N GLY C 210 28.39 11.97 -27.15
CA GLY C 210 28.38 10.53 -26.75
C GLY C 210 27.13 9.70 -26.50
N GLU C 211 25.93 10.26 -26.61
CA GLU C 211 24.67 9.38 -26.43
C GLU C 211 24.40 9.09 -24.96
N SER C 212 23.19 8.61 -24.73
CA SER C 212 22.69 8.36 -23.37
C SER C 212 22.93 6.93 -22.88
N ILE C 213 23.31 6.78 -21.59
CA ILE C 213 23.39 5.46 -20.98
C ILE C 213 22.01 4.80 -20.76
N TRP C 214 20.93 5.58 -20.84
CA TRP C 214 19.62 5.01 -20.65
C TRP C 214 19.05 4.58 -22.02
N LEU C 215 19.34 5.31 -23.08
CA LEU C 215 18.68 5.13 -24.39
C LEU C 215 19.54 4.30 -25.31
N ASP C 216 20.84 4.49 -25.21
CA ASP C 216 21.75 3.96 -26.21
C ASP C 216 23.03 3.33 -25.66
N LEU C 217 22.89 2.55 -24.57
CA LEU C 217 24.08 2.05 -23.89
C LEU C 217 24.81 1.13 -24.87
N GLU C 218 24.07 0.40 -25.70
CA GLU C 218 24.69 -0.58 -26.65
C GLU C 218 25.51 0.18 -27.66
N LEU C 219 25.00 1.35 -28.07
CA LEU C 219 25.68 2.14 -29.10
C LEU C 219 26.96 2.78 -28.52
N ILE C 220 26.93 3.16 -27.25
CA ILE C 220 28.12 3.72 -26.63
C ILE C 220 29.21 2.66 -26.55
N GLU C 221 28.84 1.42 -26.16
CA GLU C 221 29.85 0.37 -26.09
C GLU C 221 30.49 0.14 -27.47
N LYS C 222 29.66 0.15 -28.53
CA LYS C 222 30.13 -0.16 -29.87
C LYS C 222 31.05 0.96 -30.32
N MET C 223 30.65 2.22 -30.05
CA MET C 223 31.51 3.37 -30.46
C MET C 223 32.84 3.42 -29.76
N SER C 224 32.84 3.16 -28.44
CA SER C 224 34.08 3.10 -27.65
C SER C 224 35.07 2.08 -28.17
N ARG C 225 34.58 0.85 -28.37
CA ARG C 225 35.44 -0.17 -28.97
C ARG C 225 35.90 0.20 -30.40
N PHE C 226 35.01 0.75 -31.21
CA PHE C 226 35.37 1.11 -32.62
C PHE C 226 36.45 2.24 -32.65
N ILE C 227 36.31 3.25 -31.79
CA ILE C 227 37.37 4.24 -31.64
C ILE C 227 38.67 3.67 -31.10
N ARG C 228 38.61 2.80 -30.10
CA ARG C 228 39.85 2.13 -29.69
C ARG C 228 40.49 1.36 -30.88
N GLU C 229 39.68 0.53 -31.52
CA GLU C 229 40.15 -0.27 -32.67
C GLU C 229 40.72 0.58 -33.83
N THR C 230 40.20 1.78 -33.96
CA THR C 230 40.63 2.71 -34.99
C THR C 230 42.09 3.04 -34.70
N GLY C 231 42.50 2.96 -33.43
CA GLY C 231 43.91 3.19 -33.09
C GLY C 231 44.09 4.24 -32.00
N PHE C 232 43.01 4.78 -31.48
CA PHE C 232 43.19 5.61 -30.25
C PHE C 232 43.62 4.76 -29.10
N ALA C 233 44.50 5.30 -28.25
CA ALA C 233 45.01 4.48 -27.13
C ALA C 233 44.05 4.30 -25.97
N SER C 234 43.11 5.23 -25.75
CA SER C 234 42.18 5.10 -24.63
C SER C 234 40.96 5.87 -24.99
N VAL C 235 39.81 5.40 -24.50
CA VAL C 235 38.52 6.11 -24.72
C VAL C 235 37.80 5.95 -23.38
N GLN C 236 37.27 7.07 -22.87
CA GLN C 236 36.54 7.11 -21.57
C GLN C 236 35.31 8.00 -21.74
N TYR C 237 34.18 7.55 -21.19
CA TYR C 237 32.90 8.23 -21.32
C TYR C 237 32.66 9.10 -20.07
N ALA C 238 32.35 10.38 -20.30
CA ALA C 238 32.06 11.35 -19.27
C ALA C 238 30.54 11.63 -19.32
N LEU C 239 29.89 11.47 -18.18
CA LEU C 239 28.47 11.58 -18.12
C LEU C 239 28.16 13.01 -17.66
N MET C 240 27.10 13.63 -18.16
CA MET C 240 26.71 14.94 -17.67
C MET C 240 25.17 15.04 -17.56
N HIS C 241 24.73 15.99 -16.73
CA HIS C 241 23.31 16.23 -16.48
C HIS C 241 22.77 17.28 -17.42
N VAL C 242 21.89 16.90 -18.31
CA VAL C 242 21.33 17.84 -19.31
C VAL C 242 19.81 17.63 -19.26
N PRO C 243 19.11 18.54 -18.57
CA PRO C 243 17.68 18.24 -18.29
C PRO C 243 16.82 18.17 -19.56
N THR C 244 17.30 18.83 -20.64
CA THR C 244 16.48 18.87 -21.83
C THR C 244 16.79 17.73 -22.77
N TYR C 245 17.71 16.83 -22.39
CA TYR C 245 17.92 15.67 -23.23
C TYR C 245 17.06 14.53 -22.71
N PRO C 246 16.58 13.57 -23.61
CA PRO C 246 15.72 12.54 -23.08
C PRO C 246 16.45 11.70 -22.04
N CYS C 247 15.74 11.49 -20.96
CA CYS C 247 16.18 10.77 -19.75
C CYS C 247 17.22 11.54 -18.94
N GLY C 248 17.53 12.76 -19.31
CA GLY C 248 18.17 13.73 -18.42
C GLY C 248 19.68 13.77 -18.37
N SER C 249 20.33 13.02 -19.26
CA SER C 249 21.79 12.98 -19.30
C SER C 249 22.29 12.68 -20.73
N ILE C 250 23.53 13.04 -21.01
CA ILE C 250 24.14 12.59 -22.22
C ILE C 250 25.61 12.44 -21.79
N GLY C 251 26.49 12.07 -22.72
CA GLY C 251 27.89 11.93 -22.34
C GLY C 251 28.75 12.26 -23.53
N THR C 252 30.07 12.24 -23.30
CA THR C 252 31.00 12.44 -24.41
C THR C 252 32.11 11.39 -24.25
N LEU C 253 32.57 10.82 -25.36
CA LEU C 253 33.72 9.91 -25.31
C LEU C 253 34.96 10.74 -25.41
N VAL C 254 35.85 10.67 -24.43
CA VAL C 254 37.08 11.47 -24.44
C VAL C 254 38.24 10.49 -24.76
N CYS C 255 38.94 10.76 -25.86
CA CYS C 255 39.82 9.76 -26.46
C CYS C 255 41.21 10.34 -26.54
N SER C 256 42.20 9.50 -26.23
CA SER C 256 43.57 9.99 -26.21
C SER C 256 44.36 9.20 -27.29
N LYS C 257 45.06 9.93 -28.15
CA LYS C 257 45.90 9.27 -29.16
C LYS C 257 47.10 8.54 -28.51
N LYS C 258 47.65 9.18 -27.49
CA LYS C 258 48.89 8.77 -26.81
C LYS C 258 48.53 7.76 -25.75
N ALA C 259 49.30 6.67 -25.65
CA ALA C 259 49.04 5.65 -24.61
C ALA C 259 49.48 6.19 -23.22
N GLY C 260 48.89 5.66 -22.18
CA GLY C 260 49.32 6.06 -20.84
C GLY C 260 48.68 7.35 -20.33
N VAL C 261 47.68 7.86 -21.00
CA VAL C 261 47.07 9.18 -20.62
C VAL C 261 45.80 8.80 -19.87
N ASP C 262 45.58 9.42 -18.71
CA ASP C 262 44.35 9.17 -17.98
C ASP C 262 43.49 10.45 -18.06
N VAL C 263 42.57 10.53 -19.00
CA VAL C 263 41.76 11.73 -19.18
C VAL C 263 40.77 11.96 -18.01
N THR C 264 40.56 10.94 -17.16
CA THR C 264 39.49 11.00 -16.12
C THR C 264 39.90 11.90 -14.93
N LYS C 265 41.14 12.30 -14.83
CA LYS C 265 41.62 13.28 -13.84
C LYS C 265 42.26 14.41 -14.63
N PRO C 266 41.83 15.66 -14.38
CA PRO C 266 42.35 16.73 -15.22
C PRO C 266 43.83 16.91 -15.17
N LEU C 267 44.43 17.06 -16.35
CA LEU C 267 45.85 17.20 -16.54
C LEU C 267 46.24 18.66 -16.23
N ARG C 268 45.46 19.61 -16.71
CA ARG C 268 45.63 21.01 -16.38
C ARG C 268 44.34 21.56 -15.69
N PRO C 269 44.29 21.57 -14.35
CA PRO C 269 43.06 21.98 -13.64
C PRO C 269 42.58 23.32 -14.01
N VAL C 270 41.26 23.43 -14.28
CA VAL C 270 40.71 24.71 -14.69
C VAL C 270 40.90 25.77 -13.60
N GLU C 271 40.98 25.33 -12.34
CA GLU C 271 41.07 26.22 -11.22
C GLU C 271 42.31 27.12 -11.30
N ASP C 272 43.30 26.69 -12.08
CA ASP C 272 44.51 27.50 -12.19
C ASP C 272 44.36 28.52 -13.34
N MET C 273 43.20 28.57 -14.03
CA MET C 273 43.06 29.38 -15.20
C MET C 273 42.19 30.54 -14.77
N PRO C 274 42.30 31.66 -15.48
CA PRO C 274 41.68 32.84 -14.89
C PRO C 274 40.17 32.87 -15.02
N PHE C 275 39.59 32.00 -15.86
CA PHE C 275 38.16 32.01 -16.13
C PHE C 275 37.40 30.94 -15.37
N ALA C 276 38.05 30.26 -14.42
CA ALA C 276 37.33 29.13 -13.79
C ALA C 276 35.98 29.55 -13.21
N LYS C 277 35.94 30.73 -12.57
CA LYS C 277 34.73 31.14 -11.82
C LYS C 277 33.65 31.63 -12.74
N ASP C 278 33.96 31.80 -14.01
CA ASP C 278 32.95 32.16 -14.96
C ASP C 278 32.07 30.99 -15.41
N LEU C 279 32.53 29.75 -15.20
CA LEU C 279 31.79 28.57 -15.70
C LEU C 279 30.61 28.26 -14.75
N LYS C 280 29.52 27.74 -15.30
CA LYS C 280 28.38 27.43 -14.47
C LYS C 280 28.20 25.97 -14.18
N TYR C 281 28.95 25.10 -14.84
CA TYR C 281 28.78 23.66 -14.58
C TYR C 281 30.16 23.08 -14.20
N TYR C 282 31.10 23.19 -15.14
CA TYR C 282 32.36 22.39 -15.09
C TYR C 282 33.34 22.93 -14.08
N ASP C 283 33.98 22.01 -13.32
CA ASP C 283 35.18 22.31 -12.52
C ASP C 283 35.98 21.00 -12.37
N SER C 284 37.13 20.98 -11.68
CA SER C 284 37.85 19.68 -11.62
C SER C 284 37.09 18.60 -10.87
N GLU C 285 36.31 18.97 -9.84
CA GLU C 285 35.49 17.98 -9.13
C GLU C 285 34.44 17.36 -10.05
N MET C 286 33.78 18.20 -10.86
CA MET C 286 32.82 17.64 -11.82
C MET C 286 33.52 16.83 -12.89
N HIS C 287 34.72 17.27 -13.30
CA HIS C 287 35.45 16.51 -14.33
C HIS C 287 35.67 15.04 -13.79
N LYS C 288 36.21 14.91 -12.57
CA LYS C 288 36.52 13.56 -12.03
C LYS C 288 35.25 12.77 -11.82
N ALA C 289 34.22 13.45 -11.30
CA ALA C 289 32.93 12.80 -11.06
C ALA C 289 32.29 12.28 -12.36
N SER C 290 32.53 12.96 -13.49
CA SER C 290 31.78 12.65 -14.69
C SER C 290 32.17 11.24 -15.23
N PHE C 291 33.33 10.74 -14.84
CA PHE C 291 33.82 9.45 -15.36
C PHE C 291 33.36 8.29 -14.47
N ALA C 292 32.73 8.65 -13.35
CA ALA C 292 32.18 7.61 -12.44
C ALA C 292 30.77 7.24 -12.93
N LEU C 293 30.65 6.01 -13.38
CA LEU C 293 29.38 5.62 -14.03
C LEU C 293 28.55 4.71 -13.12
N PRO C 294 27.20 4.76 -13.24
CA PRO C 294 26.36 3.74 -12.58
C PRO C 294 26.90 2.30 -12.85
N ARG C 295 26.74 1.38 -11.89
CA ARG C 295 27.30 0.06 -12.12
C ARG C 295 26.83 -0.55 -13.37
N PHE C 296 25.55 -0.35 -13.74
CA PHE C 296 25.00 -1.03 -14.95
C PHE C 296 25.74 -0.60 -16.22
N ALA C 297 26.42 0.55 -16.15
CA ALA C 297 27.10 1.17 -17.29
C ALA C 297 28.61 1.19 -17.19
N ARG C 298 29.11 0.75 -16.07
CA ARG C 298 30.55 0.95 -15.78
C ARG C 298 31.51 0.22 -16.69
N HIS C 299 31.05 -0.85 -17.32
CA HIS C 299 31.86 -1.62 -18.29
C HIS C 299 32.28 -0.78 -19.50
N ILE C 300 31.58 0.33 -19.73
CA ILE C 300 32.01 1.28 -20.78
C ILE C 300 33.43 1.79 -20.50
N ASN C 301 33.73 2.05 -19.24
CA ASN C 301 34.99 2.68 -18.82
C ASN C 301 35.99 1.75 -18.16
N ASN C 302 35.49 0.65 -17.59
CA ASN C 302 36.20 -0.35 -16.69
C ASN C 302 36.25 -0.21 -15.16
N GLU D 13 -10.74 7.53 -14.63
CA GLU D 13 -10.22 8.55 -15.55
C GLU D 13 -9.19 7.97 -16.52
N LEU D 14 -8.01 7.51 -16.07
CA LEU D 14 -7.01 6.96 -17.00
C LEU D 14 -7.59 5.80 -17.84
N ILE D 15 -7.35 5.76 -19.15
CA ILE D 15 -7.73 4.53 -19.90
C ILE D 15 -6.59 3.87 -20.70
N SER D 16 -6.71 2.58 -20.86
CA SER D 16 -5.70 1.76 -21.54
C SER D 16 -5.65 2.27 -23.01
N GLY D 17 -4.44 2.57 -23.49
CA GLY D 17 -4.22 3.14 -24.80
C GLY D 17 -4.14 4.67 -24.82
N GLY D 18 -4.59 5.33 -23.75
CA GLY D 18 -4.42 6.80 -23.56
C GLY D 18 -2.96 6.99 -23.13
N TRP D 19 -2.59 8.24 -22.82
CA TRP D 19 -1.25 8.63 -22.33
C TRP D 19 -1.41 9.24 -20.94
N PHE D 20 -0.51 8.87 -20.04
CA PHE D 20 -0.38 9.52 -18.73
C PHE D 20 0.51 10.77 -18.92
N ARG D 21 0.06 11.91 -18.46
CA ARG D 21 0.77 13.18 -18.65
C ARG D 21 1.06 13.87 -17.31
N GLU D 22 2.30 14.27 -17.08
CA GLU D 22 2.64 15.04 -15.88
C GLU D 22 3.03 16.45 -16.27
N GLU D 23 2.32 17.41 -15.68
CA GLU D 23 2.69 18.83 -15.62
C GLU D 23 2.40 19.17 -14.18
N ASN D 24 3.20 20.09 -13.65
CA ASN D 24 3.09 20.54 -12.28
C ASN D 24 3.01 22.06 -12.35
N ASP D 25 2.00 22.64 -11.68
CA ASP D 25 1.82 24.10 -11.57
C ASP D 25 3.11 24.78 -11.21
N GLN D 26 3.87 24.16 -10.31
CA GLN D 26 5.11 24.75 -9.84
C GLN D 26 6.20 24.86 -10.91
N TRP D 27 6.12 24.03 -11.95
CA TRP D 27 7.11 24.02 -13.05
C TRP D 27 6.44 24.37 -14.40
N PRO D 28 6.18 25.67 -14.65
CA PRO D 28 5.23 25.94 -15.74
C PRO D 28 5.80 25.63 -17.11
N GLY D 29 4.95 25.12 -17.99
CA GLY D 29 5.30 25.04 -19.39
C GLY D 29 6.22 23.90 -19.82
N GLN D 30 6.25 22.82 -19.05
CA GLN D 30 6.95 21.60 -19.42
C GLN D 30 6.12 20.37 -18.99
N ALA D 31 6.29 19.25 -19.67
CA ALA D 31 5.47 18.07 -19.44
C ALA D 31 6.27 16.86 -19.85
N MET D 32 6.01 15.71 -19.22
CA MET D 32 6.51 14.43 -19.71
C MET D 32 5.30 13.52 -19.79
N SER D 33 5.30 12.62 -20.74
CA SER D 33 4.13 11.74 -20.93
C SER D 33 4.57 10.32 -21.18
N LEU D 34 3.74 9.36 -20.75
CA LEU D 34 3.96 7.96 -21.07
C LEU D 34 2.68 7.30 -21.56
N ARG D 35 2.80 6.49 -22.61
CA ARG D 35 1.63 5.70 -23.10
C ARG D 35 1.19 4.58 -22.13
N VAL D 36 -0.10 4.42 -21.96
CA VAL D 36 -0.64 3.47 -20.97
C VAL D 36 -1.06 2.22 -21.79
N GLU D 37 -0.33 1.10 -21.62
CA GLU D 37 -0.79 -0.17 -22.21
C GLU D 37 -2.04 -0.71 -21.48
N LYS D 38 -2.00 -0.66 -20.14
CA LYS D 38 -3.04 -1.26 -19.32
C LYS D 38 -3.10 -0.54 -17.97
N VAL D 39 -4.26 -0.02 -17.60
CA VAL D 39 -4.49 0.48 -16.25
C VAL D 39 -4.63 -0.64 -15.25
N LEU D 40 -3.84 -0.59 -14.17
CA LEU D 40 -3.92 -1.62 -13.11
C LEU D 40 -4.61 -1.07 -11.86
N TYR D 41 -4.46 0.23 -11.61
CA TYR D 41 -5.08 0.83 -10.44
C TYR D 41 -5.18 2.32 -10.65
N ASP D 42 -6.32 2.88 -10.30
CA ASP D 42 -6.50 4.30 -10.56
C ASP D 42 -7.62 4.83 -9.70
N ALA D 43 -7.33 5.15 -8.43
CA ALA D 43 -8.37 5.53 -7.49
C ALA D 43 -7.81 6.41 -6.35
N PRO D 44 -8.66 7.24 -5.72
CA PRO D 44 -8.17 7.94 -4.49
C PRO D 44 -8.08 6.94 -3.35
N THR D 45 -7.03 7.09 -2.52
CA THR D 45 -6.92 6.34 -1.27
C THR D 45 -7.41 7.32 -0.19
N LYS D 46 -7.29 6.95 1.08
CA LYS D 46 -7.54 7.95 2.14
C LYS D 46 -6.70 9.23 1.99
N PHE D 47 -5.49 9.17 1.39
CA PHE D 47 -4.57 10.31 1.48
C PHE D 47 -4.16 10.98 0.17
N GLN D 48 -4.24 10.29 -0.96
CA GLN D 48 -3.66 10.78 -2.20
C GLN D 48 -4.22 9.98 -3.38
N HIS D 49 -4.03 10.45 -4.61
CA HIS D 49 -4.51 9.65 -5.73
C HIS D 49 -3.46 8.65 -6.16
N LEU D 50 -3.83 7.38 -6.25
CA LEU D 50 -2.85 6.34 -6.57
C LEU D 50 -3.15 5.80 -7.97
N THR D 51 -2.15 5.84 -8.84
CA THR D 51 -2.26 5.37 -10.17
C THR D 51 -1.17 4.37 -10.47
N ILE D 52 -1.57 3.17 -10.91
CA ILE D 52 -0.60 2.20 -11.36
C ILE D 52 -0.96 1.70 -12.76
N PHE D 53 0.05 1.64 -13.65
CA PHE D 53 -0.21 1.17 -14.99
C PHE D 53 0.97 0.43 -15.63
N GLU D 54 0.66 -0.48 -16.53
CA GLU D 54 1.69 -1.02 -17.36
C GLU D 54 1.91 -0.02 -18.50
N SER D 55 3.15 0.43 -18.62
CA SER D 55 3.56 1.32 -19.73
C SER D 55 3.68 0.56 -21.04
N ASP D 56 4.10 1.24 -22.10
CA ASP D 56 4.23 0.56 -23.41
C ASP D 56 5.22 -0.61 -23.39
N PRO D 57 4.79 -1.82 -23.78
CA PRO D 57 5.71 -2.98 -23.65
C PRO D 57 6.87 -2.95 -24.65
N LYS D 58 6.84 -2.02 -25.61
CA LYS D 58 7.98 -1.82 -26.50
C LYS D 58 8.99 -0.79 -25.95
N GLY D 59 8.63 -0.09 -24.87
CA GLY D 59 9.56 0.81 -24.13
C GLY D 59 10.07 0.04 -22.90
N PRO D 60 10.99 0.63 -22.13
CA PRO D 60 11.73 -0.05 -21.05
C PRO D 60 11.10 0.06 -19.68
N TRP D 61 10.15 0.96 -19.52
CA TRP D 61 9.72 1.37 -18.17
C TRP D 61 8.98 0.29 -17.35
N GLY D 62 8.23 -0.60 -18.00
CA GLY D 62 7.48 -1.62 -17.24
C GLY D 62 6.32 -0.96 -16.50
N THR D 63 6.07 -1.45 -15.30
CA THR D 63 5.00 -0.99 -14.51
C THR D 63 5.36 0.35 -13.87
N VAL D 64 4.40 1.23 -13.85
CA VAL D 64 4.60 2.60 -13.35
C VAL D 64 3.63 2.93 -12.19
N MET D 65 4.13 3.54 -11.12
CA MET D 65 3.29 4.04 -10.08
C MET D 65 3.42 5.57 -9.94
N ALA D 66 2.28 6.24 -9.83
CA ALA D 66 2.29 7.68 -9.65
C ALA D 66 1.40 7.95 -8.43
N LEU D 67 1.73 9.00 -7.65
CA LEU D 67 0.88 9.46 -6.54
C LEU D 67 0.55 10.93 -6.80
N ASP D 68 -0.74 11.32 -6.73
CA ASP D 68 -1.16 12.72 -7.10
C ASP D 68 -0.52 13.21 -8.42
N GLY D 69 -0.47 12.32 -9.39
CA GLY D 69 -0.05 12.67 -10.76
C GLY D 69 1.45 12.72 -10.96
N CYS D 70 2.23 12.40 -9.93
CA CYS D 70 3.70 12.40 -10.01
C CYS D 70 4.23 10.97 -9.96
N ILE D 71 4.97 10.58 -10.98
CA ILE D 71 5.61 9.25 -11.03
C ILE D 71 6.58 9.06 -9.82
N GLN D 72 6.35 7.98 -9.05
CA GLN D 72 7.18 7.63 -7.88
C GLN D 72 8.14 6.49 -8.16
N VAL D 73 7.70 5.49 -8.94
CA VAL D 73 8.47 4.29 -9.15
C VAL D 73 8.16 3.79 -10.56
N THR D 74 9.17 3.37 -11.32
CA THR D 74 8.94 2.46 -12.47
C THR D 74 9.83 1.27 -12.29
N ASP D 75 9.47 0.15 -12.96
CA ASP D 75 10.31 -1.04 -12.80
C ASP D 75 11.70 -0.76 -13.25
N TYR D 76 11.86 0.06 -14.30
CA TYR D 76 13.14 0.18 -14.98
C TYR D 76 14.15 0.97 -14.16
N ASP D 77 13.74 2.07 -13.52
CA ASP D 77 14.76 2.92 -12.83
C ASP D 77 14.63 3.07 -11.32
N GLU D 78 13.67 2.34 -10.70
CA GLU D 78 13.53 2.42 -9.24
C GLU D 78 14.81 2.15 -8.52
N PHE D 79 15.69 1.28 -9.06
CA PHE D 79 16.91 0.94 -8.31
C PHE D 79 17.75 2.20 -7.94
N VAL D 80 17.66 3.26 -8.73
CA VAL D 80 18.62 4.38 -8.52
C VAL D 80 18.36 5.02 -7.17
N TYR D 81 17.15 5.55 -7.01
CA TYR D 81 16.82 6.33 -5.83
C TYR D 81 16.83 5.41 -4.60
N HIS D 82 16.34 4.17 -4.73
CA HIS D 82 16.42 3.19 -3.62
C HIS D 82 17.85 2.85 -3.18
N GLU D 83 18.74 2.57 -4.13
CA GLU D 83 20.13 2.31 -3.82
C GLU D 83 20.82 3.53 -3.24
N VAL D 84 20.55 4.72 -3.81
CA VAL D 84 21.30 5.87 -3.34
C VAL D 84 20.86 6.18 -1.92
N LEU D 85 19.55 6.18 -1.64
CA LEU D 85 19.14 6.53 -0.27
C LEU D 85 19.62 5.45 0.73
N GLY D 86 19.45 4.16 0.38
CA GLY D 86 19.77 3.08 1.34
C GLY D 86 21.27 3.01 1.64
N HIS D 87 22.10 3.06 0.58
CA HIS D 87 23.53 2.81 0.77
C HIS D 87 24.37 4.05 1.09
N THR D 88 23.99 5.20 0.54
CA THR D 88 24.76 6.44 0.86
C THR D 88 24.67 6.70 2.35
N SER D 89 23.52 6.42 2.91
CA SER D 89 23.32 6.64 4.36
C SER D 89 23.98 5.55 5.20
N LEU D 90 23.67 4.27 4.96
CA LEU D 90 24.23 3.16 5.75
C LEU D 90 25.77 3.03 5.62
N CYS D 91 26.33 3.32 4.43
CA CYS D 91 27.79 3.22 4.27
C CYS D 91 28.50 4.46 4.89
N SER D 92 27.74 5.45 5.38
CA SER D 92 28.30 6.62 6.06
C SER D 92 28.23 6.42 7.60
N HIS D 93 27.67 5.29 8.05
CA HIS D 93 27.45 5.06 9.48
C HIS D 93 28.39 3.94 9.92
N PRO D 94 29.01 4.09 11.12
CA PRO D 94 30.00 3.03 11.55
C PRO D 94 29.38 1.68 11.87
N LYS D 95 28.11 1.65 12.28
CA LYS D 95 27.43 0.36 12.62
C LYS D 95 25.90 0.54 12.67
N PRO D 96 25.21 0.48 11.50
CA PRO D 96 23.82 0.93 11.59
C PRO D 96 22.89 -0.25 11.96
N GLU D 97 22.59 -0.40 13.24
CA GLU D 97 21.83 -1.57 13.73
C GLU D 97 20.37 -1.33 13.72
N ARG D 98 19.97 -0.08 13.98
CA ARG D 98 18.54 0.28 14.07
C ARG D 98 18.19 1.42 13.11
N VAL D 99 17.33 1.08 12.14
CA VAL D 99 17.03 2.02 11.04
C VAL D 99 15.56 2.34 11.05
N LEU D 100 15.24 3.63 10.81
CA LEU D 100 13.85 4.07 10.58
C LEU D 100 13.71 4.59 9.16
N ILE D 101 12.69 4.11 8.47
CA ILE D 101 12.29 4.69 7.18
C ILE D 101 10.89 5.31 7.38
N ILE D 102 10.78 6.60 7.11
CA ILE D 102 9.51 7.32 7.02
C ILE D 102 9.06 7.43 5.56
N GLY D 103 7.84 6.98 5.27
CA GLY D 103 7.36 6.79 3.88
C GLY D 103 7.92 5.43 3.38
N GLY D 104 8.40 5.39 2.16
CA GLY D 104 8.93 4.13 1.59
C GLY D 104 7.96 2.99 1.57
N GLY D 105 6.65 3.30 1.52
CA GLY D 105 5.60 2.29 1.42
C GLY D 105 5.73 1.23 0.33
N ASP D 106 6.41 1.56 -0.79
CA ASP D 106 6.71 0.57 -1.85
C ASP D 106 7.75 -0.49 -1.45
N GLY D 107 8.56 -0.23 -0.41
CA GLY D 107 9.49 -1.24 0.10
C GLY D 107 10.88 -1.17 -0.49
N GLY D 108 11.10 -0.28 -1.47
CA GLY D 108 12.38 -0.23 -2.17
C GLY D 108 13.57 0.15 -1.31
N VAL D 109 13.46 1.23 -0.55
CA VAL D 109 14.59 1.63 0.37
C VAL D 109 14.75 0.53 1.36
N LEU D 110 13.64 0.04 1.89
CA LEU D 110 13.77 -1.07 2.85
C LEU D 110 14.56 -2.27 2.29
N ARG D 111 14.28 -2.67 1.04
CA ARG D 111 15.02 -3.74 0.33
C ARG D 111 16.51 -3.47 0.38
N GLU D 112 16.90 -2.21 0.17
CA GLU D 112 18.35 -1.92 0.14
C GLU D 112 19.01 -1.89 1.53
N VAL D 113 18.26 -1.36 2.50
CA VAL D 113 18.66 -1.26 3.90
C VAL D 113 18.92 -2.69 4.39
N LEU D 114 18.02 -3.58 4.02
CA LEU D 114 18.12 -4.99 4.52
C LEU D 114 19.27 -5.82 3.94
N ARG D 115 19.90 -5.35 2.85
CA ARG D 115 21.10 -5.97 2.31
C ARG D 115 22.19 -5.97 3.38
N HIS D 116 22.17 -4.97 4.28
CA HIS D 116 23.29 -4.75 5.17
C HIS D 116 23.17 -5.74 6.32
N GLY D 117 24.22 -6.54 6.54
CA GLY D 117 24.20 -7.51 7.65
C GLY D 117 24.23 -6.83 9.02
N THR D 118 24.71 -5.58 9.10
CA THR D 118 24.80 -4.88 10.39
C THR D 118 23.43 -4.47 10.92
N VAL D 119 22.43 -4.38 10.04
CA VAL D 119 21.08 -3.98 10.42
C VAL D 119 20.41 -5.11 11.21
N GLU D 120 20.14 -4.80 12.49
CA GLU D 120 19.33 -5.72 13.36
C GLU D 120 17.83 -5.56 13.17
N HIS D 121 17.40 -4.33 12.95
CA HIS D 121 15.96 -4.06 12.78
C HIS D 121 15.76 -2.76 12.03
N CYS D 122 14.77 -2.73 11.15
CA CYS D 122 14.36 -1.53 10.51
C CYS D 122 12.87 -1.31 10.75
N ASP D 123 12.50 -0.12 11.26
CA ASP D 123 11.09 0.22 11.31
C ASP D 123 10.74 1.01 10.03
N LEU D 124 9.57 0.75 9.44
CA LEU D 124 9.07 1.55 8.30
C LEU D 124 7.66 2.06 8.65
N VAL D 125 7.45 3.36 8.47
CA VAL D 125 6.17 3.98 8.74
C VAL D 125 5.72 4.78 7.52
N ASP D 126 4.66 4.32 6.84
CA ASP D 126 4.05 5.03 5.73
C ASP D 126 2.55 5.28 6.05
N ILE D 127 2.07 6.46 5.72
CA ILE D 127 0.70 6.92 6.07
C ILE D 127 -0.40 6.18 5.30
N ASP D 128 -0.02 5.60 4.15
CA ASP D 128 -0.98 5.09 3.16
C ASP D 128 -0.84 3.58 3.00
N GLY D 129 -1.66 2.82 3.72
CA GLY D 129 -1.58 1.35 3.67
C GLY D 129 -1.91 0.77 2.28
N GLU D 130 -2.58 1.58 1.45
CA GLU D 130 -2.99 1.19 0.08
C GLU D 130 -1.78 1.17 -0.84
N VAL D 131 -0.85 2.13 -0.67
CA VAL D 131 0.41 2.07 -1.38
C VAL D 131 1.12 0.78 -1.03
N MET D 132 1.12 0.36 0.24
CA MET D 132 1.88 -0.87 0.50
C MET D 132 1.17 -2.04 -0.15
N GLU D 133 -0.16 -2.05 0.01
CA GLU D 133 -1.00 -3.11 -0.58
C GLU D 133 -0.76 -3.26 -2.10
N GLN D 134 -0.91 -2.16 -2.83
CA GLN D 134 -0.74 -2.18 -4.30
C GLN D 134 0.74 -2.47 -4.71
N SER D 135 1.67 -2.08 -3.84
CA SER D 135 3.06 -2.41 -4.12
C SER D 135 3.22 -3.93 -4.03
N LYS D 136 2.60 -4.53 -3.03
CA LYS D 136 2.63 -5.99 -2.92
C LYS D 136 2.08 -6.66 -4.15
N GLN D 137 0.96 -6.13 -4.62
CA GLN D 137 0.24 -6.71 -5.78
C GLN D 137 0.91 -6.48 -7.08
N HIS D 138 1.46 -5.27 -7.30
CA HIS D 138 2.01 -4.94 -8.64
C HIS D 138 3.52 -4.69 -8.75
N PHE D 139 4.23 -4.64 -7.60
CA PHE D 139 5.70 -4.53 -7.57
C PHE D 139 6.34 -5.53 -6.60
N PRO D 140 6.13 -6.85 -6.81
CA PRO D 140 6.74 -7.91 -5.98
C PRO D 140 8.25 -7.74 -5.72
N GLN D 141 9.00 -7.33 -6.74
CA GLN D 141 10.46 -7.15 -6.60
C GLN D 141 10.88 -5.95 -5.67
N ILE D 142 10.00 -4.99 -5.54
CA ILE D 142 10.28 -3.84 -4.70
C ILE D 142 9.75 -4.12 -3.30
N SER D 143 8.56 -4.73 -3.21
CA SER D 143 7.78 -4.82 -1.98
C SER D 143 7.98 -6.10 -1.11
N ARG D 144 8.89 -6.97 -1.52
CA ARG D 144 9.07 -8.26 -0.85
C ARG D 144 9.66 -8.02 0.54
N SER D 145 10.42 -6.93 0.64
CA SER D 145 11.12 -6.61 1.88
C SER D 145 10.16 -6.36 3.03
N LEU D 146 8.95 -5.91 2.67
CA LEU D 146 7.94 -5.63 3.67
C LEU D 146 7.68 -6.79 4.61
N ALA D 147 7.85 -8.05 4.14
CA ALA D 147 7.59 -9.23 5.01
C ALA D 147 8.85 -9.73 5.70
N ASP D 148 9.98 -9.00 5.63
CA ASP D 148 11.23 -9.51 6.24
C ASP D 148 11.11 -9.48 7.77
N PRO D 149 11.70 -10.50 8.45
CA PRO D 149 11.59 -10.66 9.91
C PRO D 149 12.31 -9.55 10.61
N ARG D 150 13.27 -8.95 9.92
CA ARG D 150 14.00 -7.82 10.51
C ARG D 150 13.27 -6.45 10.36
N ALA D 151 12.17 -6.42 9.63
CA ALA D 151 11.37 -5.22 9.49
C ALA D 151 10.08 -5.28 10.28
N THR D 152 9.64 -4.13 10.78
CA THR D 152 8.26 -3.95 11.26
C THR D 152 7.62 -2.80 10.49
N VAL D 153 6.54 -3.09 9.82
CA VAL D 153 5.88 -2.09 8.99
C VAL D 153 4.62 -1.56 9.71
N ARG D 154 4.50 -0.23 9.86
CA ARG D 154 3.33 0.44 10.42
C ARG D 154 2.66 1.31 9.39
N VAL D 155 1.35 1.22 9.31
CA VAL D 155 0.58 2.24 8.63
C VAL D 155 0.32 3.38 9.64
N GLY D 156 0.81 4.59 9.39
CA GLY D 156 0.64 5.68 10.36
C GLY D 156 1.39 6.92 9.89
N ASP D 157 1.13 8.08 10.49
CA ASP D 157 1.74 9.30 10.04
C ASP D 157 3.16 9.29 10.67
N GLY D 158 4.17 9.62 9.88
CA GLY D 158 5.57 9.64 10.42
C GLY D 158 5.82 10.78 11.42
N LEU D 159 5.17 11.93 11.14
CA LEU D 159 5.12 13.12 12.02
C LEU D 159 4.83 12.73 13.45
N ALA D 160 3.68 12.08 13.66
CA ALA D 160 3.27 11.43 14.90
C ALA D 160 4.16 10.30 15.42
N PHE D 161 4.66 9.43 14.55
CA PHE D 161 5.49 8.34 15.02
C PHE D 161 6.79 8.84 15.67
N VAL D 162 7.45 9.82 15.06
CA VAL D 162 8.77 10.30 15.59
C VAL D 162 8.54 11.07 16.91
N ARG D 163 7.38 11.71 16.97
CA ARG D 163 6.90 12.45 18.09
C ARG D 163 6.90 11.60 19.33
N GLN D 164 6.44 10.34 19.26
CA GLN D 164 6.42 9.50 20.46
C GLN D 164 7.52 8.46 20.54
N THR D 165 8.51 8.62 19.67
CA THR D 165 9.68 7.79 19.78
C THR D 165 10.62 8.37 20.87
N PRO D 166 11.19 7.51 21.73
CA PRO D 166 12.19 8.02 22.69
C PRO D 166 13.43 8.64 22.04
N ASP D 167 14.15 9.46 22.79
CA ASP D 167 15.45 9.93 22.38
C ASP D 167 16.39 8.78 22.10
N ASN D 168 17.27 8.96 21.11
CA ASN D 168 18.37 8.05 20.94
C ASN D 168 17.93 6.67 20.56
N THR D 169 16.96 6.57 19.69
CA THR D 169 16.43 5.24 19.31
C THR D 169 17.15 4.66 18.10
N TYR D 170 17.47 5.53 17.13
CA TYR D 170 17.89 5.05 15.80
C TYR D 170 19.28 5.50 15.39
N ASP D 171 19.98 4.63 14.68
CA ASP D 171 21.23 4.99 14.11
C ASP D 171 21.07 5.78 12.78
N VAL D 172 20.01 5.45 12.06
CA VAL D 172 19.81 6.04 10.72
C VAL D 172 18.28 6.29 10.54
N VAL D 173 17.92 7.48 10.05
CA VAL D 173 16.52 7.79 9.67
C VAL D 173 16.54 8.21 8.24
N ILE D 174 15.73 7.55 7.39
CA ILE D 174 15.68 7.83 5.95
C ILE D 174 14.30 8.37 5.73
N ILE D 175 14.21 9.59 5.20
CA ILE D 175 12.93 10.23 4.98
C ILE D 175 12.57 10.17 3.50
N ASP D 176 11.76 9.15 3.12
CA ASP D 176 11.49 8.79 1.73
C ASP D 176 10.06 9.18 1.41
N THR D 177 9.86 10.47 1.24
CA THR D 177 8.54 11.04 1.10
C THR D 177 8.21 11.44 -0.34
N THR D 178 7.00 11.97 -0.50
CA THR D 178 6.60 12.69 -1.70
C THR D 178 7.23 14.12 -1.65
N ASP D 179 6.72 15.09 -2.43
CA ASP D 179 7.25 16.50 -2.37
C ASP D 179 6.48 17.53 -1.44
N PRO D 180 7.00 18.78 -1.28
CA PRO D 180 6.53 19.74 -0.22
C PRO D 180 5.05 20.16 -0.17
N ALA D 181 4.43 20.49 -1.32
CA ALA D 181 2.99 20.82 -1.36
C ALA D 181 2.13 19.56 -1.52
N GLY D 182 1.87 18.85 -0.41
CA GLY D 182 1.14 17.57 -0.42
C GLY D 182 1.01 16.93 0.97
N PRO D 183 0.88 15.58 1.05
CA PRO D 183 0.86 14.95 2.40
C PRO D 183 2.24 14.88 3.12
N ALA D 184 3.33 15.16 2.40
CA ALA D 184 4.68 15.18 3.00
C ALA D 184 5.12 16.60 3.39
N SER D 185 4.15 17.52 3.47
CA SER D 185 4.42 18.97 3.65
C SER D 185 5.06 19.40 4.99
N LYS D 186 4.61 18.83 6.11
CA LYS D 186 5.28 18.99 7.42
C LYS D 186 6.67 18.32 7.46
N LEU D 187 6.89 17.38 6.54
CA LEU D 187 8.16 16.67 6.45
C LEU D 187 9.26 17.46 5.67
N PHE D 188 8.92 18.67 5.22
CA PHE D 188 9.91 19.59 4.63
C PHE D 188 9.94 20.86 5.48
N ALA D 191 9.70 21.30 14.14
CA ALA D 191 9.13 20.36 15.13
C ALA D 191 9.46 18.92 14.69
N PHE D 192 9.14 18.62 13.44
CA PHE D 192 9.44 17.29 12.90
C PHE D 192 10.95 16.97 12.88
N TYR D 193 11.73 17.82 12.21
CA TYR D 193 13.16 17.64 12.12
C TYR D 193 13.92 17.72 13.46
N LYS D 194 13.32 18.41 14.43
CA LYS D 194 13.91 18.47 15.76
C LYS D 194 13.62 17.12 16.40
N ASP D 195 12.47 16.52 16.07
CA ASP D 195 12.24 15.18 16.58
C ASP D 195 13.18 14.20 15.94
N VAL D 196 13.42 14.35 14.64
CA VAL D 196 14.39 13.45 13.94
C VAL D 196 15.76 13.52 14.61
N LEU D 197 16.24 14.74 14.85
CA LEU D 197 17.56 14.87 15.48
C LEU D 197 17.54 14.19 16.85
N ARG D 198 16.44 14.38 17.58
CA ARG D 198 16.28 13.87 18.96
C ARG D 198 16.25 12.36 19.00
N ILE D 199 15.58 11.76 18.02
CA ILE D 199 15.45 10.28 18.02
C ILE D 199 16.66 9.53 17.51
N LEU D 200 17.63 10.25 16.93
CA LEU D 200 18.89 9.65 16.50
C LEU D 200 19.84 9.54 17.68
N LYS D 201 20.63 8.46 17.66
CA LYS D 201 21.73 8.25 18.58
C LYS D 201 22.80 9.26 18.24
N PRO D 202 23.82 9.39 19.14
CA PRO D 202 24.78 10.49 18.99
C PRO D 202 25.54 10.47 17.66
N ASP D 203 25.82 9.29 17.12
CA ASP D 203 26.48 9.26 15.83
C ASP D 203 25.47 8.97 14.68
N GLY D 204 24.24 9.44 14.85
CA GLY D 204 23.15 9.11 13.87
C GLY D 204 23.31 9.80 12.52
N ILE D 205 22.74 9.22 11.48
CA ILE D 205 22.78 9.85 10.11
C ILE D 205 21.30 9.98 9.69
N CYS D 206 20.91 11.13 9.10
CA CYS D 206 19.54 11.29 8.55
C CYS D 206 19.71 11.49 7.03
N CYS D 207 18.92 10.86 6.18
CA CYS D 207 18.93 11.33 4.81
C CYS D 207 17.53 11.47 4.32
N ASN D 208 17.32 12.36 3.36
CA ASN D 208 15.96 12.67 2.95
C ASN D 208 15.79 12.70 1.42
N GLN D 209 14.57 12.90 0.93
CA GLN D 209 14.37 13.18 -0.48
C GLN D 209 14.66 14.66 -0.62
N GLY D 210 15.71 15.03 -1.36
CA GLY D 210 16.01 16.43 -1.71
C GLY D 210 15.39 16.75 -3.07
N GLU D 211 15.31 18.00 -3.37
CA GLU D 211 14.62 18.43 -4.55
C GLU D 211 15.64 18.44 -5.70
N SER D 212 15.18 18.96 -6.81
CA SER D 212 16.00 19.06 -8.04
C SER D 212 16.82 20.34 -7.96
N ILE D 213 18.08 20.26 -8.41
CA ILE D 213 18.90 21.47 -8.48
C ILE D 213 18.48 22.34 -9.61
N TRP D 214 17.69 21.79 -10.54
CA TRP D 214 17.27 22.56 -11.67
C TRP D 214 15.95 23.28 -11.35
N LEU D 215 15.12 22.68 -10.53
CA LEU D 215 13.76 23.20 -10.34
C LEU D 215 13.54 23.83 -9.00
N ASP D 216 14.35 23.44 -8.01
CA ASP D 216 14.08 23.78 -6.63
C ASP D 216 15.34 24.05 -5.86
N LEU D 217 16.29 24.71 -6.54
CA LEU D 217 17.58 25.02 -5.94
C LEU D 217 17.42 25.81 -4.62
N GLU D 218 16.51 26.79 -4.60
CA GLU D 218 16.43 27.67 -3.38
C GLU D 218 15.87 26.86 -2.22
N LEU D 219 14.98 25.91 -2.55
CA LEU D 219 14.43 25.06 -1.50
C LEU D 219 15.52 24.17 -0.93
N ILE D 220 16.43 23.65 -1.79
CA ILE D 220 17.51 22.86 -1.26
C ILE D 220 18.40 23.66 -0.33
N GLU D 221 18.75 24.90 -0.73
CA GLU D 221 19.53 25.81 0.12
C GLU D 221 18.89 26.03 1.48
N LYS D 222 17.61 26.37 1.46
CA LYS D 222 16.82 26.65 2.69
C LYS D 222 16.78 25.44 3.65
N MET D 223 16.45 24.26 3.09
CA MET D 223 16.44 23.01 3.93
C MET D 223 17.76 22.69 4.53
N SER D 224 18.81 22.80 3.71
CA SER D 224 20.16 22.49 4.18
C SER D 224 20.55 23.42 5.37
N ARG D 225 20.23 24.70 5.21
CA ARG D 225 20.52 25.69 6.28
C ARG D 225 19.70 25.34 7.55
N PHE D 226 18.38 25.15 7.38
CA PHE D 226 17.36 24.75 8.45
C PHE D 226 17.79 23.48 9.20
N ILE D 227 18.30 22.48 8.47
CA ILE D 227 18.71 21.22 9.07
C ILE D 227 19.92 21.43 9.94
N ARG D 228 20.89 22.21 9.47
CA ARG D 228 22.07 22.56 10.24
C ARG D 228 21.66 23.33 11.51
N GLU D 229 20.74 24.27 11.34
CA GLU D 229 20.26 25.13 12.46
C GLU D 229 19.58 24.29 13.52
N THR D 230 18.69 23.42 13.06
CA THR D 230 17.99 22.57 13.97
C THR D 230 18.97 21.80 14.85
N GLY D 231 20.23 21.63 14.42
CA GLY D 231 21.22 20.96 15.26
C GLY D 231 22.13 19.89 14.67
N PHE D 232 21.87 19.48 13.42
CA PHE D 232 22.80 18.58 12.73
C PHE D 232 24.10 19.33 12.46
N ALA D 233 25.19 18.59 12.64
CA ALA D 233 26.55 19.11 12.55
C ALA D 233 26.91 19.36 11.10
N SER D 234 26.40 18.55 10.15
CA SER D 234 26.80 18.76 8.74
C SER D 234 25.70 18.18 7.86
N VAL D 235 25.62 18.65 6.63
CA VAL D 235 24.55 18.24 5.71
C VAL D 235 25.22 18.39 4.34
N GLN D 236 25.14 17.33 3.50
CA GLN D 236 25.73 17.36 2.14
C GLN D 236 24.70 16.76 1.20
N TYR D 237 24.54 17.38 0.04
CA TYR D 237 23.57 16.94 -0.95
C TYR D 237 24.26 16.01 -1.97
N ALA D 238 23.65 14.83 -2.16
CA ALA D 238 24.13 13.82 -3.09
C ALA D 238 23.16 13.89 -4.31
N LEU D 239 23.70 14.06 -5.50
CA LEU D 239 22.89 14.20 -6.74
C LEU D 239 22.86 12.83 -7.42
N MET D 240 21.75 12.43 -8.03
CA MET D 240 21.71 11.16 -8.73
C MET D 240 20.84 11.27 -9.98
N HIS D 241 21.07 10.35 -10.90
CA HIS D 241 20.41 10.42 -12.23
C HIS D 241 19.13 9.53 -12.19
N VAL D 242 17.93 10.12 -12.30
CA VAL D 242 16.67 9.38 -12.32
C VAL D 242 15.90 9.85 -13.55
N PRO D 243 15.87 9.01 -14.58
CA PRO D 243 15.30 9.52 -15.84
C PRO D 243 13.85 9.91 -15.73
N THR D 244 13.09 9.31 -14.80
CA THR D 244 11.62 9.55 -14.78
C THR D 244 11.20 10.65 -13.81
N TYR D 245 12.15 11.26 -13.10
CA TYR D 245 11.92 12.38 -12.21
C TYR D 245 12.12 13.67 -13.05
N PRO D 246 11.46 14.81 -12.64
CA PRO D 246 11.45 16.09 -13.35
C PRO D 246 12.90 16.58 -13.62
N CYS D 247 13.21 16.86 -14.87
CA CYS D 247 14.56 17.29 -15.31
C CYS D 247 15.66 16.22 -15.14
N GLY D 248 15.27 14.99 -14.80
CA GLY D 248 16.21 13.85 -14.94
C GLY D 248 17.16 13.60 -13.79
N SER D 249 16.97 14.30 -12.67
CA SER D 249 17.78 14.04 -11.46
C SER D 249 16.97 14.41 -10.20
N ILE D 250 17.47 13.93 -9.06
CA ILE D 250 16.98 14.31 -7.78
C ILE D 250 18.16 14.17 -6.81
N GLY D 251 17.98 14.58 -5.56
CA GLY D 251 19.11 14.46 -4.67
C GLY D 251 18.67 14.04 -3.29
N THR D 252 19.61 13.80 -2.42
CA THR D 252 19.26 13.50 -1.05
C THR D 252 20.22 14.30 -0.10
N LEU D 253 19.67 14.90 0.97
CA LEU D 253 20.52 15.60 1.94
C LEU D 253 20.96 14.60 2.97
N VAL D 254 22.28 14.43 3.12
CA VAL D 254 22.81 13.37 3.94
C VAL D 254 23.47 14.11 5.14
N CYS D 255 22.89 13.89 6.32
CA CYS D 255 23.07 14.78 7.44
C CYS D 255 23.64 13.99 8.59
N SER D 256 24.64 14.58 9.24
CA SER D 256 25.27 13.89 10.37
C SER D 256 24.99 14.61 11.68
N LYS D 257 24.55 13.86 12.71
CA LYS D 257 24.33 14.45 14.03
C LYS D 257 25.66 14.85 14.65
N LYS D 258 26.66 13.97 14.52
CA LYS D 258 27.97 14.18 15.12
C LYS D 258 28.92 14.99 14.26
N ALA D 259 29.70 15.86 14.92
CA ALA D 259 30.67 16.72 14.26
C ALA D 259 31.84 15.90 13.75
N GLY D 260 32.54 16.43 12.76
CA GLY D 260 33.77 15.82 12.21
C GLY D 260 33.56 14.59 11.32
N VAL D 261 32.35 14.44 10.79
CA VAL D 261 32.02 13.26 9.98
C VAL D 261 31.97 13.78 8.53
N ASP D 262 32.68 13.13 7.61
CA ASP D 262 32.59 13.55 6.20
C ASP D 262 31.85 12.44 5.44
N VAL D 263 30.58 12.67 5.18
CA VAL D 263 29.78 11.57 4.60
C VAL D 263 30.11 11.45 3.10
N THR D 264 30.97 12.31 2.55
CA THR D 264 31.14 12.30 1.08
C THR D 264 32.12 11.22 0.65
N LYS D 265 32.89 10.64 1.57
CA LYS D 265 33.78 9.49 1.25
C LYS D 265 33.21 8.32 2.09
N PRO D 266 32.93 7.16 1.46
CA PRO D 266 32.22 6.17 2.30
C PRO D 266 33.04 5.74 3.52
N LEU D 267 32.40 5.70 4.65
CA LEU D 267 33.01 5.20 5.89
C LEU D 267 33.16 3.67 5.89
N ARG D 268 32.13 2.94 5.43
CA ARG D 268 32.21 1.48 5.28
C ARG D 268 31.95 1.13 3.82
N PRO D 269 33.02 1.03 3.00
CA PRO D 269 32.86 0.92 1.55
C PRO D 269 32.00 -0.31 1.17
N VAL D 270 30.96 -0.17 0.32
CA VAL D 270 30.10 -1.31 -0.01
C VAL D 270 30.90 -2.51 -0.64
N GLU D 271 32.03 -2.19 -1.25
CA GLU D 271 32.85 -3.23 -1.98
C GLU D 271 33.30 -4.32 -1.03
N ASP D 272 33.36 -3.98 0.27
CA ASP D 272 33.79 -4.97 1.26
C ASP D 272 32.64 -5.79 1.77
N MET D 273 31.42 -5.53 1.26
CA MET D 273 30.23 -6.23 1.66
C MET D 273 29.87 -7.26 0.61
N PRO D 274 29.20 -8.34 1.03
CA PRO D 274 28.98 -9.47 0.10
C PRO D 274 28.01 -9.17 -1.03
N PHE D 275 27.20 -8.10 -0.91
CA PHE D 275 26.15 -7.76 -1.90
C PHE D 275 26.50 -6.67 -2.91
N ALA D 276 27.72 -6.14 -2.83
CA ALA D 276 28.14 -5.06 -3.76
C ALA D 276 27.82 -5.29 -5.24
N LYS D 277 28.03 -6.52 -5.76
CA LYS D 277 27.77 -6.87 -7.15
C LYS D 277 26.34 -6.99 -7.52
N ASP D 278 25.44 -7.12 -6.55
CA ASP D 278 24.01 -7.15 -6.79
C ASP D 278 23.45 -5.76 -7.13
N LEU D 279 24.20 -4.71 -6.80
CA LEU D 279 23.70 -3.34 -7.05
C LEU D 279 23.83 -2.93 -8.51
N LYS D 280 22.85 -2.15 -8.99
CA LYS D 280 22.78 -1.75 -10.40
C LYS D 280 23.26 -0.30 -10.60
N TYR D 281 23.31 0.50 -9.54
CA TYR D 281 23.68 1.93 -9.71
C TYR D 281 24.86 2.21 -8.76
N TYR D 282 24.65 2.00 -7.45
CA TYR D 282 25.55 2.48 -6.43
C TYR D 282 26.87 1.69 -6.27
N ASP D 283 27.98 2.42 -6.09
CA ASP D 283 29.24 1.82 -5.59
C ASP D 283 30.06 2.98 -5.00
N SER D 284 31.25 2.71 -4.41
CA SER D 284 31.95 3.82 -3.71
C SER D 284 32.34 5.00 -4.65
N GLU D 285 32.66 4.71 -5.88
CA GLU D 285 32.98 5.78 -6.89
C GLU D 285 31.75 6.67 -7.17
N MET D 286 30.59 6.06 -7.40
CA MET D 286 29.38 6.85 -7.57
C MET D 286 29.04 7.64 -6.27
N HIS D 287 29.22 7.01 -5.10
CA HIS D 287 29.03 7.68 -3.82
C HIS D 287 29.86 9.01 -3.82
N LYS D 288 31.15 8.89 -4.05
CA LYS D 288 32.05 10.05 -3.99
C LYS D 288 31.62 11.05 -5.07
N ALA D 289 31.31 10.54 -6.26
CA ALA D 289 30.89 11.41 -7.37
C ALA D 289 29.56 12.18 -7.16
N SER D 290 28.65 11.60 -6.35
CA SER D 290 27.31 12.18 -6.19
C SER D 290 27.40 13.50 -5.45
N PHE D 291 28.43 13.70 -4.61
CA PHE D 291 28.54 14.95 -3.87
C PHE D 291 29.28 16.07 -4.63
N ALA D 292 29.78 15.74 -5.81
CA ALA D 292 30.29 16.81 -6.70
C ALA D 292 29.11 17.46 -7.45
N LEU D 293 28.90 18.77 -7.27
CA LEU D 293 27.75 19.41 -7.87
C LEU D 293 28.17 20.40 -8.97
N PRO D 294 27.31 20.59 -10.00
CA PRO D 294 27.56 21.65 -10.98
C PRO D 294 27.95 22.92 -10.29
N ARG D 295 28.84 23.69 -10.89
CA ARG D 295 29.26 24.93 -10.22
C ARG D 295 28.11 25.82 -9.72
N PHE D 296 27.08 25.95 -10.52
CA PHE D 296 25.97 26.85 -10.11
C PHE D 296 25.31 26.37 -8.80
N ALA D 297 25.41 25.08 -8.50
CA ALA D 297 24.75 24.51 -7.31
C ALA D 297 25.75 24.20 -6.21
N ARG D 298 27.06 24.30 -6.49
CA ARG D 298 28.09 23.83 -5.55
C ARG D 298 28.00 24.45 -4.15
N HIS D 299 27.45 25.68 -4.06
CA HIS D 299 27.42 26.41 -2.80
C HIS D 299 26.57 25.66 -1.75
N ILE D 300 25.67 24.81 -2.22
CA ILE D 300 24.95 23.88 -1.34
C ILE D 300 25.91 23.10 -0.43
N ASN D 301 26.96 22.52 -1.01
CA ASN D 301 27.90 21.68 -0.25
C ASN D 301 29.21 22.33 0.20
N ASN D 302 29.54 23.48 -0.41
CA ASN D 302 30.90 24.08 -0.35
C ASN D 302 32.14 23.35 -0.94
CA S4M E . -12.42 -18.19 28.20
N S4M E . -11.06 -18.80 28.40
CB S4M E . -13.23 -18.34 29.50
CG S4M E . -12.95 -17.26 30.51
SD S4M E . -11.90 -17.90 31.87
CE S4M E . -12.74 -19.48 32.33
C5' S4M E . -12.56 -16.74 33.12
C4' S4M E . -11.54 -16.76 34.29
O4' S4M E . -11.36 -15.50 34.94
C1' S4M E . -11.09 -15.85 36.31
C2' S4M E . -12.11 -16.95 36.60
O2' S4M E . -11.75 -17.72 37.75
C3' S4M E . -12.09 -17.75 35.30
O3' S4M E . -11.28 -18.93 35.24
N9 S4M E . -11.14 -14.69 37.19
C8 S4M E . -12.27 -14.03 37.62
N7 S4M E . -11.97 -13.02 38.41
C5 S4M E . -10.60 -13.00 38.52
C6 S4M E . -9.71 -12.18 39.21
N6 S4M E . -10.07 -11.07 40.02
C4 S4M E . -10.07 -14.03 37.76
N3 S4M E . -8.78 -14.34 37.64
C2 S4M E . -8.05 -13.47 38.32
N1 S4M E . -8.40 -12.45 39.08
CA S4M F . -35.96 -13.15 6.15
N S4M F . -36.59 -12.08 5.31
CB S4M F . -36.96 -14.27 6.42
CG S4M F . -37.05 -15.27 5.28
SD S4M F . -38.55 -15.00 4.24
CE S4M F . -39.91 -15.10 5.49
C5' S4M F . -38.61 -16.66 3.46
C4' S4M F . -39.76 -16.77 2.47
O4' S4M F . -39.52 -17.80 1.49
C1' S4M F . -40.79 -18.13 0.99
C2' S4M F . -41.58 -18.34 2.32
O2' S4M F . -42.98 -18.25 2.18
C3' S4M F . -41.05 -17.21 3.19
O3' S4M F . -41.95 -16.10 3.26
N9 S4M F . -40.67 -19.28 0.12
C8 S4M F . -40.35 -20.55 0.50
N7 S4M F . -40.36 -21.32 -0.59
C5 S4M F . -40.68 -20.55 -1.69
C6 S4M F . -40.84 -20.79 -3.06
N6 S4M F . -40.69 -22.07 -3.60
C4 S4M F . -40.86 -19.25 -1.25
N3 S4M F . -41.18 -18.23 -2.04
C2 S4M F . -41.30 -18.56 -3.35
N1 S4M F . -41.16 -19.79 -3.89
C12 4K2 G . -30.92 -19.60 17.85
C18 4K2 G . -32.01 -24.05 16.37
C14 4K2 G . -31.59 -20.46 17.00
C15 4K2 G . -32.14 -22.67 16.26
C11 4K2 G . -30.10 -20.15 18.81
C13 4K2 G . -31.18 -24.54 17.35
C8 4K2 G . -31.45 -21.83 17.12
C5 4K2 G . -30.63 -22.40 18.07
C4 4K2 G . -29.96 -21.52 18.90
C1 4K2 G . -27.89 -22.19 19.34
C19 4K2 G . -25.25 -23.34 22.39
C16 4K2 G . -24.73 -22.90 21.04
C17 4K2 G . -26.61 -22.75 22.69
C9 4K2 G . -25.70 -23.19 19.92
C10 4K2 G . -27.55 -23.17 21.59
N6 4K2 G . -30.51 -23.74 18.18
N2 4K2 G . -27.05 -22.78 20.28
O7 4K2 G . -27.56 -21.88 18.19
O3 4K2 G . -29.14 -22.01 19.90
CA S4M H . 25.17 21.38 -29.31
N S4M H . 26.01 22.60 -29.51
CB S4M H . 24.26 21.11 -30.50
CG S4M H . 24.83 20.12 -31.51
SD S4M H . 25.00 21.03 -33.09
CE S4M H . 23.33 21.76 -33.05
C5' S4M H . 24.92 19.72 -34.36
C4' S4M H . 25.66 20.34 -35.53
O4' S4M H . 26.51 19.46 -36.27
C1' S4M H . 26.43 19.82 -37.65
C2' S4M H . 24.98 20.24 -37.86
O2' S4M H . 24.81 21.15 -38.94
C3' S4M H . 24.67 20.93 -36.53
O3' S4M H . 24.89 22.35 -36.49
N9 S4M H . 26.87 18.74 -38.56
C8 S4M H . 26.21 17.57 -38.82
N7 S4M H . 26.89 16.83 -39.68
C5 S4M H . 28.03 17.55 -39.98
C6 S4M H . 29.11 17.30 -40.81
N6 S4M H . 29.23 16.15 -41.58
C4 S4M H . 28.04 18.74 -39.28
N3 S4M H . 28.97 19.67 -39.33
C2 S4M H . 29.98 19.33 -40.14
N1 S4M H . 30.09 18.23 -40.87
CA S4M I . 10.29 6.31 -3.89
N S4M I . 10.21 4.97 -3.23
CB S4M I . 8.93 6.94 -4.09
CG S4M I . 8.43 7.72 -2.88
SD S4M I . 7.40 6.77 -1.68
CE S4M I . 6.07 6.23 -2.82
C5' S4M I . 6.61 8.27 -0.95
C4' S4M I . 5.74 7.83 0.24
O4' S4M I . 5.61 8.92 1.20
C1' S4M I . 4.43 8.53 1.92
C2' S4M I . 3.44 8.34 0.78
O2' S4M I . 2.26 7.68 1.24
C3' S4M I . 4.31 7.52 -0.19
O3' S4M I . 4.11 6.11 -0.10
N9 S4M I . 4.13 9.51 2.93
C8 S4M I . 3.67 10.77 2.64
N7 S4M I . 3.46 11.47 3.72
C5 S4M I . 3.77 10.63 4.76
C6 S4M I . 3.76 10.85 6.13
N6 S4M I . 3.33 12.09 6.59
C4 S4M I . 4.21 9.41 4.30
N3 S4M I . 4.57 8.41 5.10
C2 S4M I . 4.50 8.71 6.40
N1 S4M I . 4.11 9.86 6.98
C12 4K2 J . 9.67 14.02 -15.89
C18 4K2 J . 6.75 17.49 -14.45
C14 4K2 J . 8.74 14.49 -14.99
C15 4K2 J . 7.27 16.22 -14.27
C11 4K2 J . 10.09 14.82 -16.94
C13 4K2 J . 7.19 18.23 -15.52
C8 4K2 J . 8.21 15.75 -15.16
C5 4K2 J . 8.61 16.57 -16.22
C4 4K2 J . 9.55 16.09 -17.09
C1 4K2 J . 11.00 17.71 -17.82
C19 4K2 J . 12.35 19.69 -21.33
C16 4K2 J . 11.37 18.55 -21.44
C17 4K2 J . 13.07 19.74 -19.99
C9 4K2 J . 10.54 18.37 -20.17
C10 4K2 J . 12.09 19.65 -18.85
N6 4K2 J . 8.10 17.81 -16.40
N2 4K2 J . 11.34 18.42 -18.96
O7 4K2 J . 11.54 17.81 -16.71
O3 4K2 J . 9.95 16.87 -18.16
#